data_3N74
#
_entry.id   3N74
#
_cell.length_a   70.520
_cell.length_b   96.500
_cell.length_c   130.340
_cell.angle_alpha   90.00
_cell.angle_beta   90.00
_cell.angle_gamma   90.00
#
_symmetry.space_group_name_H-M   'P 21 21 21'
#
loop_
_entity.id
_entity.type
_entity.pdbx_description
1 polymer '3-ketoacyl-(acyl-carrier-protein) reductase'
2 water water
#
_entity_poly.entity_id   1
_entity_poly.type   'polypeptide(L)'
_entity_poly.pdbx_seq_one_letter_code
;GPGSMSLEGKVALITGAGSGFGEGMAKRFAKGGAKVVIVDRDKAGAERVAGEIGDAALAVAADISKEADVDAAVEAALSK
FGKVDILVNNAGIGHKPQNAELVEPEEFDRIVGVNVRGVYLMTSKLIPHFKENGAKGQECVILNVASTGAGRPRPNLAWY
NATKGWVVSVTKALAIELAPAKIRVVALNPVAGETPLLTTFMGEDSEEIRKKFRDSIPMGRLLKPDDLAEAAAFLCSPQA
SMITGVALDVDGGRSIGGRSI
;
_entity_poly.pdbx_strand_id   A,B,C,D
#
# COMPACT_ATOMS: atom_id res chain seq x y z
N MET A 5 -7.58 -14.70 30.35
CA MET A 5 -7.23 -16.15 30.23
C MET A 5 -6.72 -16.54 28.81
N SER A 6 -6.86 -15.63 27.85
CA SER A 6 -6.45 -15.90 26.45
C SER A 6 -5.00 -16.39 26.24
N LEU A 7 -4.09 -15.92 27.08
CA LEU A 7 -2.67 -16.19 26.92
C LEU A 7 -2.15 -17.11 28.03
N GLU A 8 -3.08 -17.80 28.70
CA GLU A 8 -2.74 -18.69 29.81
C GLU A 8 -1.73 -19.75 29.36
N GLY A 9 -0.69 -19.94 30.14
CA GLY A 9 0.34 -20.89 29.75
C GLY A 9 1.42 -20.29 28.87
N LYS A 10 1.15 -19.21 28.14
CA LYS A 10 2.17 -18.64 27.23
C LYS A 10 3.30 -17.87 27.93
N VAL A 11 4.46 -17.84 27.29
CA VAL A 11 5.58 -17.08 27.78
C VAL A 11 5.94 -16.04 26.70
N ALA A 12 5.86 -14.76 27.06
CA ALA A 12 6.26 -13.70 26.12
C ALA A 12 7.54 -13.02 26.55
N LEU A 13 8.45 -12.81 25.61
CA LEU A 13 9.63 -12.01 25.85
C LEU A 13 9.43 -10.67 25.15
N ILE A 14 9.54 -9.58 25.90
CA ILE A 14 9.23 -8.26 25.37
C ILE A 14 10.40 -7.34 25.59
N THR A 15 10.89 -6.72 24.50
CA THR A 15 12.02 -5.80 24.56
C THR A 15 11.48 -4.37 24.71
N GLY A 16 12.31 -3.48 25.25
CA GLY A 16 11.92 -2.10 25.54
C GLY A 16 10.78 -2.07 26.55
N ALA A 17 10.69 -3.11 27.38
CA ALA A 17 9.55 -3.32 28.26
C ALA A 17 9.64 -2.59 29.60
N GLY A 18 10.72 -1.83 29.81
CA GLY A 18 10.92 -1.05 31.06
C GLY A 18 10.11 0.25 31.19
N SER A 19 9.33 0.62 30.15
CA SER A 19 8.61 1.90 30.09
C SER A 19 7.63 1.94 28.92
N GLY A 20 6.83 3.00 28.86
CA GLY A 20 5.92 3.29 27.71
C GLY A 20 5.11 2.11 27.18
N PHE A 21 5.17 1.90 25.87
CA PHE A 21 4.34 0.86 25.22
C PHE A 21 4.75 -0.56 25.62
N GLY A 22 6.05 -0.77 25.86
CA GLY A 22 6.54 -2.10 26.18
C GLY A 22 6.01 -2.57 27.52
N GLU A 23 5.97 -1.63 28.46
CA GLU A 23 5.51 -1.86 29.81
C GLU A 23 4.01 -2.13 29.76
N GLY A 24 3.31 -1.32 28.97
CA GLY A 24 1.88 -1.49 28.79
C GLY A 24 1.54 -2.86 28.26
N MET A 25 2.26 -3.30 27.23
CA MET A 25 2.07 -4.64 26.69
C MET A 25 2.36 -5.79 27.67
N ALA A 26 3.47 -5.70 28.39
CA ALA A 26 3.85 -6.72 29.36
C ALA A 26 2.81 -6.83 30.46
N LYS A 27 2.35 -5.69 30.97
CA LYS A 27 1.32 -5.73 32.02
C LYS A 27 0.05 -6.35 31.47
N ARG A 28 -0.29 -6.05 30.23
CA ARG A 28 -1.53 -6.58 29.64
C ARG A 28 -1.42 -8.08 29.36
N PHE A 29 -0.24 -8.51 28.92
CA PHE A 29 -0.03 -9.92 28.60
C PHE A 29 -0.15 -10.74 29.88
N ALA A 30 0.51 -10.26 30.94
CA ALA A 30 0.47 -10.90 32.25
C ALA A 30 -0.95 -10.99 32.79
N LYS A 31 -1.73 -9.90 32.69
CA LYS A 31 -3.17 -9.94 33.04
C LYS A 31 -3.95 -11.00 32.23
N GLY A 32 -3.45 -11.33 31.03
CA GLY A 32 -4.06 -12.37 30.21
C GLY A 32 -3.57 -13.76 30.54
N GLY A 33 -2.75 -13.89 31.58
CA GLY A 33 -2.26 -15.17 32.06
C GLY A 33 -0.89 -15.61 31.56
N ALA A 34 -0.20 -14.71 30.87
CA ALA A 34 1.12 -15.03 30.33
C ALA A 34 2.24 -14.77 31.34
N LYS A 35 3.30 -15.56 31.26
CA LYS A 35 4.58 -15.24 31.90
C LYS A 35 5.28 -14.22 30.99
N VAL A 36 5.90 -13.19 31.58
CA VAL A 36 6.51 -12.13 30.79
C VAL A 36 7.99 -11.97 31.14
N VAL A 37 8.83 -11.92 30.12
CA VAL A 37 10.21 -11.59 30.31
C VAL A 37 10.38 -10.14 29.90
N ILE A 38 10.76 -9.32 30.87
CA ILE A 38 10.84 -7.87 30.71
C ILE A 38 12.28 -7.50 30.34
N VAL A 39 12.52 -7.29 29.06
CA VAL A 39 13.85 -7.01 28.56
C VAL A 39 13.96 -5.52 28.27
N ASP A 40 14.94 -4.84 28.88
CA ASP A 40 15.16 -3.42 28.62
C ASP A 40 16.62 -3.10 28.84
N ARG A 41 17.14 -2.08 28.12
CA ARG A 41 18.49 -1.51 28.41
C ARG A 41 18.59 -0.85 29.81
N ASP A 42 17.48 -0.27 30.26
CA ASP A 42 17.31 0.38 31.57
C ASP A 42 16.97 -0.68 32.64
N LYS A 43 17.97 -1.07 33.43
CA LYS A 43 17.84 -2.13 34.44
C LYS A 43 16.85 -1.76 35.55
N ALA A 44 16.89 -0.51 36.02
CA ALA A 44 15.87 -0.01 36.99
C ALA A 44 14.43 -0.07 36.45
N GLY A 45 14.26 0.30 35.18
CA GLY A 45 12.98 0.17 34.47
C GLY A 45 12.45 -1.27 34.44
N ALA A 46 13.27 -2.20 33.93
CA ALA A 46 12.92 -3.62 33.84
C ALA A 46 12.53 -4.15 35.19
N GLU A 47 13.34 -3.86 36.22
CA GLU A 47 13.08 -4.34 37.57
C GLU A 47 11.80 -3.77 38.18
N ARG A 48 11.58 -2.48 37.96
CA ARG A 48 10.34 -1.85 38.44
C ARG A 48 9.09 -2.50 37.78
N VAL A 49 9.09 -2.64 36.44
CA VAL A 49 7.96 -3.29 35.73
C VAL A 49 7.79 -4.73 36.22
N ALA A 50 8.87 -5.51 36.27
CA ALA A 50 8.76 -6.85 36.84
C ALA A 50 8.10 -6.84 38.23
N GLY A 51 8.49 -5.88 39.07
CA GLY A 51 8.00 -5.80 40.43
C GLY A 51 6.51 -5.57 40.45
N GLU A 52 6.06 -4.62 39.63
CA GLU A 52 4.68 -4.22 39.55
C GLU A 52 3.81 -5.33 38.98
N ILE A 53 4.36 -6.15 38.09
CA ILE A 53 3.61 -7.27 37.52
C ILE A 53 3.53 -8.41 38.54
N GLY A 54 4.68 -8.73 39.13
CA GLY A 54 4.74 -9.69 40.22
C GLY A 54 5.39 -11.00 39.82
N ASP A 55 4.92 -12.07 40.44
CA ASP A 55 5.50 -13.39 40.23
C ASP A 55 5.58 -13.88 38.76
N ALA A 56 4.68 -13.41 37.89
CA ALA A 56 4.64 -13.82 36.47
C ALA A 56 5.75 -13.23 35.59
N ALA A 57 6.57 -12.36 36.19
CA ALA A 57 7.53 -11.54 35.43
C ALA A 57 8.99 -11.79 35.83
N LEU A 58 9.87 -11.80 34.84
CA LEU A 58 11.32 -11.85 35.03
C LEU A 58 11.98 -10.59 34.44
N ALA A 59 12.78 -9.91 35.24
CA ALA A 59 13.44 -8.71 34.75
C ALA A 59 14.79 -9.08 34.13
N VAL A 60 15.09 -8.48 32.99
CA VAL A 60 16.33 -8.80 32.27
C VAL A 60 16.89 -7.55 31.65
N ALA A 61 18.05 -7.12 32.16
CA ALA A 61 18.73 -5.96 31.64
C ALA A 61 19.59 -6.40 30.46
N ALA A 62 19.47 -5.70 29.34
CA ALA A 62 20.16 -6.12 28.11
C ALA A 62 20.24 -4.98 27.11
N ASP A 63 21.34 -4.98 26.35
CA ASP A 63 21.46 -4.10 25.20
C ASP A 63 21.36 -4.98 23.95
N ILE A 64 20.16 -5.08 23.39
CA ILE A 64 19.86 -6.06 22.32
C ILE A 64 20.55 -5.80 20.97
N SER A 65 21.27 -4.69 20.86
CA SER A 65 22.17 -4.50 19.74
C SER A 65 23.41 -5.39 19.88
N LYS A 66 23.55 -6.07 21.02
CA LYS A 66 24.78 -6.85 21.29
C LYS A 66 24.46 -8.34 21.30
N GLU A 67 25.21 -9.13 20.52
CA GLU A 67 24.94 -10.57 20.41
C GLU A 67 24.92 -11.25 21.79
N ALA A 68 25.97 -10.99 22.57
CA ALA A 68 26.12 -11.55 23.92
C ALA A 68 24.94 -11.25 24.82
N ASP A 69 24.44 -10.01 24.78
CA ASP A 69 23.29 -9.65 25.61
C ASP A 69 22.04 -10.42 25.18
N VAL A 70 21.89 -10.61 23.88
CA VAL A 70 20.71 -11.30 23.37
C VAL A 70 20.77 -12.77 23.85
N ASP A 71 21.89 -13.44 23.59
CA ASP A 71 22.15 -14.78 24.12
C ASP A 71 21.86 -14.91 25.62
N ALA A 72 22.41 -14.00 26.43
CA ALA A 72 22.12 -13.97 27.87
C ALA A 72 20.60 -13.80 28.15
N ALA A 73 19.95 -12.86 27.46
CA ALA A 73 18.50 -12.66 27.61
C ALA A 73 17.71 -13.93 27.32
N VAL A 74 18.05 -14.58 26.21
CA VAL A 74 17.32 -15.79 25.79
C VAL A 74 17.57 -16.94 26.77
N GLU A 75 18.82 -17.17 27.13
CA GLU A 75 19.15 -18.17 28.13
C GLU A 75 18.39 -17.91 29.46
N ALA A 76 18.38 -16.66 29.95
CA ALA A 76 17.64 -16.35 31.17
C ALA A 76 16.14 -16.63 31.09
N ALA A 77 15.54 -16.35 29.95
CA ALA A 77 14.11 -16.61 29.77
C ALA A 77 13.90 -18.11 29.78
N LEU A 78 14.70 -18.84 29.01
CA LEU A 78 14.53 -20.28 28.95
C LEU A 78 14.74 -20.92 30.33
N SER A 79 15.74 -20.44 31.06
CA SER A 79 16.05 -21.02 32.35
C SER A 79 14.93 -20.78 33.34
N LYS A 80 14.33 -19.60 33.30
CA LYS A 80 13.28 -19.25 34.26
C LYS A 80 11.94 -19.91 33.91
N PHE A 81 11.56 -19.90 32.62
CA PHE A 81 10.22 -20.34 32.25
C PHE A 81 10.12 -21.65 31.45
N GLY A 82 11.25 -22.18 31.02
CA GLY A 82 11.22 -23.43 30.25
C GLY A 82 10.95 -23.30 28.76
N LYS A 83 10.27 -22.24 28.33
CA LYS A 83 10.03 -21.98 26.90
C LYS A 83 9.71 -20.52 26.60
N VAL A 84 9.80 -20.12 25.31
CA VAL A 84 9.25 -18.84 24.86
C VAL A 84 8.26 -19.09 23.72
N ASP A 85 7.09 -18.44 23.79
CA ASP A 85 5.97 -18.63 22.85
C ASP A 85 5.74 -17.39 22.01
N ILE A 86 6.08 -16.24 22.60
CA ILE A 86 5.74 -14.95 22.01
C ILE A 86 6.97 -14.07 22.17
N LEU A 87 7.38 -13.46 21.05
CA LEU A 87 8.41 -12.45 21.07
C LEU A 87 7.79 -11.16 20.60
N VAL A 88 7.96 -10.10 21.41
CA VAL A 88 7.58 -8.76 21.01
C VAL A 88 8.85 -7.93 20.89
N ASN A 89 9.21 -7.63 19.65
CA ASN A 89 10.26 -6.69 19.33
C ASN A 89 9.75 -5.25 19.45
N ASN A 90 10.03 -4.63 20.58
CA ASN A 90 9.46 -3.33 20.86
C ASN A 90 10.51 -2.26 21.11
N ALA A 91 11.73 -2.65 21.47
CA ALA A 91 12.76 -1.65 21.78
C ALA A 91 13.06 -0.86 20.51
N GLY A 92 13.23 0.44 20.68
CA GLY A 92 13.50 1.34 19.56
C GLY A 92 14.03 2.66 20.08
N ILE A 93 14.98 3.24 19.36
CA ILE A 93 15.48 4.57 19.64
C ILE A 93 15.40 5.45 18.39
N GLY A 94 15.33 6.76 18.57
CA GLY A 94 15.22 7.67 17.44
C GLY A 94 16.35 8.64 17.44
N HIS A 95 16.22 9.66 16.60
CA HIS A 95 17.02 10.87 16.70
C HIS A 95 16.04 12.03 16.88
N LYS A 96 16.48 13.13 17.47
CA LYS A 96 15.59 14.30 17.54
C LYS A 96 15.29 14.78 16.13
N PRO A 97 14.07 15.30 15.92
CA PRO A 97 13.70 15.82 14.61
C PRO A 97 14.70 16.85 14.11
N GLN A 98 15.19 16.67 12.89
CA GLN A 98 16.15 17.59 12.28
C GLN A 98 16.28 17.21 10.83
N ASN A 99 16.86 18.12 10.06
CA ASN A 99 17.23 17.86 8.68
C ASN A 99 18.07 16.58 8.61
N ALA A 100 17.65 15.69 7.70
CA ALA A 100 18.22 14.35 7.58
C ALA A 100 19.74 14.31 7.54
N GLU A 101 20.32 15.22 6.77
CA GLU A 101 21.77 15.28 6.57
C GLU A 101 22.52 15.77 7.81
N LEU A 102 21.83 16.17 8.87
CA LEU A 102 22.50 16.59 10.08
C LEU A 102 22.72 15.45 11.07
N VAL A 103 22.06 14.32 10.82
CA VAL A 103 22.26 13.15 11.67
C VAL A 103 23.61 12.53 11.30
N GLU A 104 24.52 12.44 12.24
CA GLU A 104 25.85 11.99 11.93
C GLU A 104 26.03 10.45 12.07
N PRO A 105 27.10 9.90 11.45
CA PRO A 105 27.23 8.46 11.33
C PRO A 105 27.14 7.67 12.65
N GLU A 106 27.79 8.16 13.72
CA GLU A 106 27.69 7.51 15.04
C GLU A 106 26.25 7.37 15.48
N GLU A 107 25.48 8.45 15.38
CA GLU A 107 24.09 8.41 15.79
C GLU A 107 23.27 7.50 14.87
N PHE A 108 23.48 7.63 13.56
CA PHE A 108 22.83 6.77 12.60
C PHE A 108 23.09 5.28 12.92
N ASP A 109 24.35 4.94 13.19
CA ASP A 109 24.78 3.57 13.47
C ASP A 109 24.14 2.99 14.73
N ARG A 110 23.99 3.83 15.75
CA ARG A 110 23.36 3.47 17.01
C ARG A 110 21.89 3.15 16.79
N ILE A 111 21.22 4.02 16.04
CA ILE A 111 19.82 3.81 15.73
C ILE A 111 19.61 2.49 14.99
N VAL A 112 20.42 2.22 13.97
CA VAL A 112 20.35 0.94 13.25
C VAL A 112 20.67 -0.24 14.18
N GLY A 113 21.63 -0.07 15.08
CA GLY A 113 22.03 -1.12 16.01
C GLY A 113 20.88 -1.68 16.83
N VAL A 114 20.04 -0.78 17.34
CA VAL A 114 18.90 -1.20 18.15
C VAL A 114 17.70 -1.61 17.25
N ASN A 115 17.31 -0.71 16.35
CA ASN A 115 16.04 -0.87 15.62
C ASN A 115 16.07 -1.94 14.52
N VAL A 116 17.28 -2.23 14.01
CA VAL A 116 17.45 -3.17 12.93
C VAL A 116 18.22 -4.39 13.42
N ARG A 117 19.46 -4.17 13.88
CA ARG A 117 20.27 -5.29 14.29
C ARG A 117 19.65 -6.01 15.50
N GLY A 118 19.05 -5.24 16.43
CA GLY A 118 18.39 -5.81 17.61
C GLY A 118 17.24 -6.76 17.27
N VAL A 119 16.43 -6.35 16.30
CA VAL A 119 15.34 -7.16 15.84
C VAL A 119 15.88 -8.45 15.18
N TYR A 120 16.85 -8.28 14.28
CA TYR A 120 17.54 -9.39 13.63
C TYR A 120 18.07 -10.39 14.69
N LEU A 121 18.78 -9.89 15.70
CA LEU A 121 19.43 -10.74 16.69
C LEU A 121 18.41 -11.48 17.57
N MET A 122 17.44 -10.74 18.09
CA MET A 122 16.46 -11.26 19.02
C MET A 122 15.65 -12.31 18.26
N THR A 123 15.28 -12.00 17.02
CA THR A 123 14.46 -12.92 16.23
C THR A 123 15.20 -14.22 15.79
N SER A 124 16.36 -14.05 15.16
CA SER A 124 17.11 -15.18 14.69
C SER A 124 17.51 -16.08 15.87
N LYS A 125 17.79 -15.50 17.03
CA LYS A 125 18.15 -16.32 18.16
C LYS A 125 17.02 -17.16 18.75
N LEU A 126 15.77 -16.76 18.54
CA LEU A 126 14.59 -17.47 19.08
C LEU A 126 13.88 -18.36 18.05
N ILE A 127 14.14 -18.11 16.76
CA ILE A 127 13.52 -18.91 15.70
C ILE A 127 13.72 -20.45 15.87
N PRO A 128 14.96 -20.93 16.15
CA PRO A 128 15.10 -22.40 16.34
C PRO A 128 14.21 -22.95 17.47
N HIS A 129 14.13 -22.24 18.58
CA HIS A 129 13.28 -22.66 19.68
C HIS A 129 11.80 -22.61 19.26
N PHE A 130 11.42 -21.60 18.47
CA PHE A 130 10.02 -21.47 17.99
C PHE A 130 9.67 -22.64 17.07
N LYS A 131 10.60 -23.02 16.22
CA LYS A 131 10.38 -24.09 15.26
C LYS A 131 10.20 -25.40 16.02
N GLU A 132 10.98 -25.57 17.07
CA GLU A 132 10.88 -26.72 17.92
C GLU A 132 9.49 -26.75 18.59
N ASN A 133 9.04 -25.61 19.11
CA ASN A 133 7.67 -25.49 19.66
C ASN A 133 6.59 -25.84 18.62
N GLY A 134 6.72 -25.28 17.41
CA GLY A 134 5.76 -25.52 16.33
C GLY A 134 5.69 -26.98 15.91
N ALA A 135 6.80 -27.72 16.07
CA ALA A 135 6.83 -29.15 15.72
C ALA A 135 6.05 -29.98 16.73
N LYS A 136 5.97 -29.50 17.98
CA LYS A 136 5.19 -30.17 19.01
C LYS A 136 3.78 -29.63 19.02
N GLY A 137 3.47 -28.76 18.05
CA GLY A 137 2.12 -28.26 17.85
C GLY A 137 1.78 -27.00 18.65
N GLN A 138 2.79 -26.36 19.23
CA GLN A 138 2.61 -25.12 19.98
C GLN A 138 2.95 -23.88 19.13
N GLU A 139 1.92 -23.23 18.59
CA GLU A 139 2.08 -22.07 17.71
C GLU A 139 2.78 -20.92 18.42
N CYS A 140 3.72 -20.27 17.75
CA CYS A 140 4.40 -19.10 18.28
C CYS A 140 4.11 -17.82 17.48
N VAL A 141 4.32 -16.67 18.12
CA VAL A 141 4.06 -15.40 17.48
C VAL A 141 5.24 -14.46 17.69
N ILE A 142 5.64 -13.81 16.61
CA ILE A 142 6.62 -12.74 16.67
C ILE A 142 5.82 -11.52 16.31
N LEU A 143 5.86 -10.49 17.17
CA LEU A 143 5.18 -9.22 16.96
C LEU A 143 6.20 -8.09 16.95
N ASN A 144 6.23 -7.32 15.87
CA ASN A 144 7.17 -6.23 15.75
C ASN A 144 6.46 -4.92 15.85
N VAL A 145 6.96 -4.04 16.70
CA VAL A 145 6.38 -2.71 16.82
C VAL A 145 7.14 -1.79 15.90
N ALA A 146 6.43 -1.19 14.94
CA ALA A 146 7.06 -0.26 14.02
C ALA A 146 6.49 1.14 14.24
N SER A 147 5.85 1.74 13.24
CA SER A 147 5.38 3.13 13.34
C SER A 147 4.60 3.55 12.11
N THR A 148 3.62 4.45 12.28
CA THR A 148 2.97 5.10 11.12
C THR A 148 4.01 5.82 10.24
N GLY A 149 5.12 6.27 10.83
CA GLY A 149 6.19 6.91 10.05
C GLY A 149 6.84 6.01 8.99
N ALA A 150 6.70 4.69 9.13
CA ALA A 150 7.26 3.74 8.16
C ALA A 150 6.70 3.97 6.75
N GLY A 151 5.37 4.00 6.64
CA GLY A 151 4.71 4.23 5.37
C GLY A 151 4.13 5.62 5.22
N ARG A 152 4.04 6.39 6.32
CA ARG A 152 3.50 7.78 6.26
C ARG A 152 4.40 8.78 7.00
N PRO A 153 5.60 9.03 6.48
CA PRO A 153 6.53 9.93 7.18
C PRO A 153 6.13 11.41 7.11
N ARG A 154 6.45 12.16 8.16
CA ARG A 154 6.46 13.63 8.06
C ARG A 154 7.92 14.03 8.15
N PRO A 155 8.26 15.28 7.72
CA PRO A 155 9.66 15.64 7.68
C PRO A 155 10.39 15.48 9.02
N ASN A 156 11.70 15.26 8.95
CA ASN A 156 12.62 15.40 10.11
C ASN A 156 12.91 14.16 10.95
N LEU A 157 12.28 13.04 10.63
CA LEU A 157 12.65 11.74 11.23
C LEU A 157 13.04 10.68 10.17
N ALA A 158 13.77 11.11 9.13
CA ALA A 158 14.07 10.24 8.00
C ALA A 158 14.67 8.90 8.41
N TRP A 159 15.78 8.92 9.15
CA TRP A 159 16.50 7.69 9.41
C TRP A 159 15.73 6.81 10.39
N TYR A 160 15.03 7.44 11.31
CA TYR A 160 14.20 6.71 12.25
C TYR A 160 13.04 6.02 11.52
N ASN A 161 12.28 6.77 10.74
CA ASN A 161 11.20 6.20 9.90
C ASN A 161 11.68 5.07 8.99
N ALA A 162 12.86 5.21 8.39
CA ALA A 162 13.35 4.14 7.52
C ALA A 162 13.59 2.80 8.28
N THR A 163 14.11 2.87 9.50
CA THR A 163 14.24 1.65 10.29
C THR A 163 12.90 0.99 10.53
N LYS A 164 11.84 1.80 10.65
CA LYS A 164 10.51 1.24 10.84
C LYS A 164 9.94 0.58 9.59
N GLY A 165 10.22 1.17 8.42
CA GLY A 165 9.99 0.52 7.13
C GLY A 165 10.71 -0.82 6.99
N TRP A 166 11.96 -0.90 7.49
CA TRP A 166 12.71 -2.18 7.58
C TRP A 166 11.93 -3.23 8.40
N VAL A 167 11.38 -2.78 9.54
CA VAL A 167 10.65 -3.62 10.48
C VAL A 167 9.36 -4.18 9.85
N VAL A 168 8.63 -3.35 9.11
CA VAL A 168 7.39 -3.77 8.44
C VAL A 168 7.72 -4.76 7.33
N SER A 169 8.76 -4.47 6.58
CA SER A 169 9.18 -5.32 5.49
C SER A 169 9.69 -6.68 6.01
N VAL A 170 10.48 -6.65 7.08
CA VAL A 170 10.96 -7.88 7.69
C VAL A 170 9.81 -8.74 8.25
N THR A 171 8.80 -8.07 8.80
CA THR A 171 7.58 -8.76 9.27
C THR A 171 6.95 -9.60 8.15
N LYS A 172 6.77 -9.02 6.98
CA LYS A 172 6.17 -9.77 5.86
C LYS A 172 7.05 -10.92 5.41
N ALA A 173 8.36 -10.66 5.31
CA ALA A 173 9.32 -11.67 4.81
C ALA A 173 9.41 -12.86 5.77
N LEU A 174 9.54 -12.59 7.07
CA LEU A 174 9.58 -13.69 8.03
C LEU A 174 8.24 -14.43 8.06
N ALA A 175 7.14 -13.72 7.86
CA ALA A 175 5.80 -14.32 7.95
C ALA A 175 5.60 -15.39 6.86
N ILE A 176 6.01 -15.07 5.64
CA ILE A 176 5.81 -16.01 4.55
C ILE A 176 6.75 -17.21 4.75
N GLU A 177 7.96 -16.94 5.22
CA GLU A 177 8.95 -18.01 5.49
C GLU A 177 8.59 -18.97 6.67
N LEU A 178 8.11 -18.40 7.76
CA LEU A 178 7.87 -19.16 9.00
C LEU A 178 6.47 -19.74 9.15
N ALA A 179 5.53 -19.29 8.33
CA ALA A 179 4.17 -19.83 8.44
C ALA A 179 4.12 -21.36 8.54
N PRO A 180 4.76 -22.08 7.58
CA PRO A 180 4.65 -23.57 7.65
C PRO A 180 5.28 -24.16 8.92
N ALA A 181 6.10 -23.37 9.63
CA ALA A 181 6.67 -23.79 10.90
C ALA A 181 5.73 -23.50 12.06
N LYS A 182 4.52 -23.05 11.74
CA LYS A 182 3.53 -22.63 12.75
C LYS A 182 3.96 -21.43 13.64
N ILE A 183 4.66 -20.48 13.01
CA ILE A 183 5.08 -19.25 13.66
C ILE A 183 4.46 -18.10 12.88
N ARG A 184 3.59 -17.32 13.52
CA ARG A 184 3.02 -16.14 12.89
C ARG A 184 3.90 -14.92 13.14
N VAL A 185 3.87 -13.97 12.20
CA VAL A 185 4.68 -12.78 12.30
C VAL A 185 3.82 -11.57 11.92
N VAL A 186 3.67 -10.64 12.87
CA VAL A 186 2.81 -9.48 12.70
C VAL A 186 3.50 -8.25 13.21
N ALA A 187 2.94 -7.11 12.86
CA ALA A 187 3.44 -5.81 13.29
C ALA A 187 2.31 -4.88 13.68
N LEU A 188 2.64 -3.92 14.53
CA LEU A 188 1.74 -2.82 14.90
C LEU A 188 2.43 -1.53 14.49
N ASN A 189 1.64 -0.58 13.95
CA ASN A 189 2.11 0.78 13.62
C ASN A 189 1.41 1.80 14.51
N PRO A 190 1.99 2.07 15.70
CA PRO A 190 1.50 3.16 16.54
C PRO A 190 1.89 4.49 15.93
N VAL A 191 1.12 5.51 16.24
CA VAL A 191 1.45 6.86 15.78
C VAL A 191 2.52 7.51 16.66
N ILE A 217 -4.74 14.21 15.22
CA ILE A 217 -5.32 12.86 15.25
C ILE A 217 -6.87 12.84 15.01
N PRO A 218 -7.29 12.27 13.87
CA PRO A 218 -8.72 12.26 13.51
C PRO A 218 -9.67 11.86 14.65
N MET A 219 -9.36 10.82 15.41
CA MET A 219 -10.19 10.45 16.56
C MET A 219 -10.21 11.51 17.68
N GLY A 220 -9.30 12.49 17.60
CA GLY A 220 -9.25 13.61 18.55
C GLY A 220 -8.80 13.26 19.98
N ARG A 221 -7.93 12.26 20.12
CA ARG A 221 -7.22 12.01 21.39
C ARG A 221 -5.94 11.23 21.16
N LEU A 222 -5.04 11.27 22.13
CA LEU A 222 -3.74 10.64 21.99
C LEU A 222 -3.80 9.12 22.15
N LEU A 223 -2.83 8.44 21.55
CA LEU A 223 -2.67 7.02 21.76
C LEU A 223 -2.06 6.76 23.14
N LYS A 224 -2.71 5.92 23.93
CA LYS A 224 -2.18 5.52 25.23
C LYS A 224 -1.59 4.09 25.16
N PRO A 225 -0.58 3.80 25.99
CA PRO A 225 -0.03 2.43 26.03
C PRO A 225 -1.07 1.30 26.08
N ASP A 226 -2.16 1.49 26.83
CA ASP A 226 -3.18 0.43 26.93
C ASP A 226 -3.94 0.17 25.63
N ASP A 227 -4.00 1.16 24.76
CA ASP A 227 -4.63 0.95 23.48
C ASP A 227 -3.77 0.00 22.69
N LEU A 228 -2.49 0.33 22.57
CA LEU A 228 -1.61 -0.49 21.79
C LEU A 228 -1.54 -1.87 22.42
N ALA A 229 -1.56 -1.93 23.75
CA ALA A 229 -1.53 -3.20 24.48
C ALA A 229 -2.67 -4.13 24.07
N GLU A 230 -3.89 -3.60 23.91
CA GLU A 230 -5.00 -4.44 23.48
C GLU A 230 -4.82 -5.02 22.07
N ALA A 231 -4.27 -4.23 21.15
CA ALA A 231 -4.11 -4.72 19.80
C ALA A 231 -3.05 -5.83 19.82
N ALA A 232 -2.03 -5.63 20.65
CA ALA A 232 -0.95 -6.60 20.81
C ALA A 232 -1.45 -7.90 21.42
N ALA A 233 -2.30 -7.81 22.45
CA ALA A 233 -2.80 -9.04 23.07
C ALA A 233 -3.72 -9.83 22.14
N PHE A 234 -4.51 -9.12 21.35
CA PHE A 234 -5.30 -9.76 20.32
C PHE A 234 -4.42 -10.47 19.28
N LEU A 235 -3.51 -9.74 18.64
CA LEU A 235 -2.66 -10.31 17.60
C LEU A 235 -1.79 -11.49 18.07
N CYS A 236 -1.45 -11.51 19.36
CA CYS A 236 -0.59 -12.57 19.86
C CYS A 236 -1.41 -13.73 20.43
N SER A 237 -2.74 -13.68 20.31
CA SER A 237 -3.59 -14.70 20.95
C SER A 237 -4.10 -15.72 19.94
N PRO A 238 -4.62 -16.88 20.42
CA PRO A 238 -5.16 -17.84 19.44
C PRO A 238 -6.39 -17.32 18.69
N GLN A 239 -6.98 -16.22 19.17
CA GLN A 239 -8.08 -15.58 18.47
C GLN A 239 -7.62 -14.93 17.14
N ALA A 240 -6.31 -14.88 16.91
CA ALA A 240 -5.76 -14.32 15.68
C ALA A 240 -4.91 -15.38 14.95
N SER A 241 -5.24 -16.65 15.15
CA SER A 241 -4.42 -17.76 14.66
C SER A 241 -4.29 -17.82 13.13
N MET A 242 -5.19 -17.14 12.40
CA MET A 242 -5.15 -17.07 10.93
C MET A 242 -4.61 -15.75 10.38
N ILE A 243 -3.96 -14.98 11.25
CA ILE A 243 -3.52 -13.66 10.90
C ILE A 243 -2.02 -13.67 10.96
N THR A 244 -1.38 -13.47 9.81
CA THR A 244 0.06 -13.34 9.76
C THR A 244 0.53 -12.46 8.59
N GLY A 245 1.66 -11.77 8.77
CA GLY A 245 2.27 -10.94 7.74
C GLY A 245 1.71 -9.53 7.60
N VAL A 246 0.86 -9.12 8.55
CA VAL A 246 0.14 -7.84 8.48
C VAL A 246 0.81 -6.74 9.32
N ALA A 247 0.53 -5.48 9.00
CA ALA A 247 0.97 -4.39 9.85
C ALA A 247 -0.26 -3.59 10.20
N LEU A 248 -0.71 -3.71 11.44
CA LEU A 248 -1.95 -3.03 11.87
C LEU A 248 -1.64 -1.63 12.39
N ASP A 249 -2.26 -0.61 11.76
CA ASP A 249 -2.09 0.78 12.21
C ASP A 249 -2.98 0.99 13.43
N VAL A 250 -2.40 1.50 14.52
CA VAL A 250 -3.19 1.85 15.69
C VAL A 250 -2.89 3.32 15.99
N ASP A 251 -3.71 4.23 15.47
CA ASP A 251 -3.28 5.62 15.33
C ASP A 251 -4.34 6.71 15.27
N GLY A 252 -5.57 6.37 15.63
CA GLY A 252 -6.67 7.34 15.59
C GLY A 252 -7.03 7.80 14.20
N GLY A 253 -6.49 7.13 13.17
CA GLY A 253 -6.76 7.46 11.77
C GLY A 253 -5.72 8.38 11.17
N ARG A 254 -4.55 8.51 11.82
CA ARG A 254 -3.52 9.44 11.33
C ARG A 254 -2.86 9.04 10.01
N SER A 255 -2.72 7.74 9.79
CA SER A 255 -2.14 7.22 8.56
C SER A 255 -3.04 7.31 7.34
N ILE A 256 -4.32 7.64 7.53
CA ILE A 256 -5.27 7.61 6.42
C ILE A 256 -4.86 8.60 5.32
N MET B 5 18.06 13.85 -25.90
CA MET B 5 18.65 15.05 -25.20
C MET B 5 17.99 15.42 -23.84
N SER B 6 17.02 14.62 -23.38
CA SER B 6 16.26 14.89 -22.13
C SER B 6 17.06 15.15 -20.84
N LEU B 7 18.24 14.53 -20.75
CA LEU B 7 19.10 14.68 -19.59
C LEU B 7 20.34 15.52 -19.91
N GLU B 8 20.32 16.17 -21.08
CA GLU B 8 21.41 17.05 -21.49
C GLU B 8 21.78 18.05 -20.40
N GLY B 9 23.06 18.13 -20.09
CA GLY B 9 23.47 19.12 -19.09
C GLY B 9 23.38 18.65 -17.64
N LYS B 10 22.82 17.45 -17.43
CA LYS B 10 22.73 16.88 -16.07
C LYS B 10 23.92 15.95 -15.76
N VAL B 11 24.28 15.86 -14.47
CA VAL B 11 25.32 14.94 -13.99
C VAL B 11 24.70 13.94 -13.00
N ALA B 12 24.84 12.65 -13.30
CA ALA B 12 24.29 11.59 -12.45
C ALA B 12 25.41 10.80 -11.80
N LEU B 13 25.33 10.63 -10.49
CA LEU B 13 26.23 9.72 -9.81
C LEU B 13 25.45 8.43 -9.58
N ILE B 14 26.01 7.31 -10.04
CA ILE B 14 25.34 6.02 -9.96
C ILE B 14 26.22 5.03 -9.19
N THR B 15 25.74 4.56 -8.05
CA THR B 15 26.50 3.55 -7.28
C THR B 15 26.20 2.15 -7.82
N GLY B 16 27.14 1.24 -7.64
CA GLY B 16 27.01 -0.12 -8.18
C GLY B 16 26.91 -0.09 -9.71
N ALA B 17 27.53 0.91 -10.33
CA ALA B 17 27.42 1.07 -11.78
C ALA B 17 28.44 0.30 -12.62
N GLY B 18 29.19 -0.62 -12.01
CA GLY B 18 30.18 -1.42 -12.75
C GLY B 18 29.59 -2.64 -13.45
N SER B 19 28.32 -2.91 -13.19
CA SER B 19 27.64 -4.04 -13.83
C SER B 19 26.14 -3.91 -13.75
N GLY B 20 25.43 -4.79 -14.46
CA GLY B 20 24.01 -5.10 -14.20
C GLY B 20 23.11 -3.90 -14.40
N PHE B 21 22.16 -3.72 -13.51
CA PHE B 21 21.26 -2.57 -13.59
C PHE B 21 22.00 -1.24 -13.59
N GLY B 22 22.97 -1.10 -12.67
CA GLY B 22 23.70 0.14 -12.51
C GLY B 22 24.37 0.57 -13.80
N GLU B 23 25.02 -0.38 -14.47
CA GLU B 23 25.67 -0.14 -15.76
C GLU B 23 24.64 0.25 -16.84
N GLY B 24 23.54 -0.48 -16.91
CA GLY B 24 22.47 -0.16 -17.88
C GLY B 24 21.97 1.27 -17.75
N MET B 25 21.69 1.69 -16.51
CA MET B 25 21.29 3.07 -16.27
C MET B 25 22.39 4.08 -16.64
N ALA B 26 23.63 3.79 -16.26
CA ALA B 26 24.73 4.68 -16.63
C ALA B 26 24.80 4.93 -18.14
N LYS B 27 24.77 3.85 -18.92
CA LYS B 27 24.83 3.97 -20.40
C LYS B 27 23.60 4.68 -20.97
N ARG B 28 22.41 4.34 -20.48
CA ARG B 28 21.17 4.98 -20.94
C ARG B 28 21.17 6.47 -20.63
N PHE B 29 21.60 6.82 -19.43
CA PHE B 29 21.65 8.20 -19.01
C PHE B 29 22.59 9.01 -19.89
N ALA B 30 23.76 8.45 -20.12
CA ALA B 30 24.73 9.04 -21.05
C ALA B 30 24.20 9.15 -22.48
N LYS B 31 23.44 8.14 -22.94
CA LYS B 31 22.81 8.25 -24.27
C LYS B 31 21.82 9.41 -24.30
N GLY B 32 21.22 9.71 -23.15
CA GLY B 32 20.32 10.86 -23.04
C GLY B 32 21.06 12.17 -22.84
N GLY B 33 22.37 12.15 -22.95
CA GLY B 33 23.17 13.38 -22.83
C GLY B 33 23.69 13.75 -21.45
N ALA B 34 23.46 12.91 -20.44
CA ALA B 34 24.02 13.18 -19.10
C ALA B 34 25.51 12.86 -19.02
N LYS B 35 26.23 13.57 -18.13
CA LYS B 35 27.53 13.12 -17.62
C LYS B 35 27.25 12.16 -16.48
N VAL B 36 28.06 11.10 -16.37
CA VAL B 36 27.78 10.06 -15.40
C VAL B 36 29.02 9.73 -14.56
N VAL B 37 28.84 9.61 -13.26
CA VAL B 37 29.93 9.22 -12.38
C VAL B 37 29.67 7.77 -12.00
N ILE B 38 30.55 6.89 -12.48
CA ILE B 38 30.41 5.44 -12.34
C ILE B 38 31.06 5.00 -11.05
N VAL B 39 30.26 4.78 -10.01
CA VAL B 39 30.80 4.39 -8.72
C VAL B 39 30.57 2.92 -8.49
N ASP B 40 31.62 2.21 -8.05
CA ASP B 40 31.51 0.78 -7.75
C ASP B 40 32.67 0.36 -6.85
N ARG B 41 32.41 -0.60 -5.96
CA ARG B 41 33.52 -1.22 -5.20
C ARG B 41 34.57 -1.87 -6.11
N ASP B 42 34.14 -2.41 -7.26
CA ASP B 42 34.98 -3.09 -8.23
C ASP B 42 35.58 -2.07 -9.21
N LYS B 43 36.84 -1.72 -8.93
CA LYS B 43 37.54 -0.68 -9.66
C LYS B 43 37.62 -0.96 -11.17
N ALA B 44 37.97 -2.19 -11.51
CA ALA B 44 38.14 -2.58 -12.91
C ALA B 44 36.81 -2.51 -13.65
N GLY B 45 35.72 -2.75 -12.92
CA GLY B 45 34.36 -2.71 -13.49
C GLY B 45 33.86 -1.29 -13.66
N ALA B 46 34.18 -0.40 -12.70
CA ALA B 46 33.88 1.02 -12.85
C ALA B 46 34.63 1.58 -14.05
N GLU B 47 35.91 1.21 -14.16
CA GLU B 47 36.74 1.64 -15.28
C GLU B 47 36.25 1.14 -16.64
N ARG B 48 35.84 -0.14 -16.68
CA ARG B 48 35.28 -0.74 -17.87
C ARG B 48 34.09 0.08 -18.38
N VAL B 49 33.15 0.38 -17.48
CA VAL B 49 31.90 1.02 -17.87
C VAL B 49 32.19 2.44 -18.29
N ALA B 50 32.99 3.13 -17.49
CA ALA B 50 33.45 4.50 -17.80
C ALA B 50 34.12 4.55 -19.16
N GLY B 51 35.01 3.58 -19.41
CA GLY B 51 35.73 3.51 -20.67
C GLY B 51 34.78 3.29 -21.84
N GLU B 52 33.76 2.47 -21.63
CA GLU B 52 32.82 2.17 -22.71
C GLU B 52 31.92 3.35 -23.08
N ILE B 53 31.64 4.21 -22.11
CA ILE B 53 30.77 5.36 -22.34
C ILE B 53 31.57 6.47 -23.01
N GLY B 54 32.77 6.73 -22.48
CA GLY B 54 33.67 7.74 -23.03
C GLY B 54 33.85 8.96 -22.15
N ASP B 55 34.18 10.08 -22.78
CA ASP B 55 34.42 11.39 -22.11
C ASP B 55 33.35 11.83 -21.13
N ALA B 56 32.10 11.44 -21.34
CA ALA B 56 30.99 11.84 -20.47
C ALA B 56 30.97 11.11 -19.11
N ALA B 57 31.85 10.12 -18.94
CA ALA B 57 31.84 9.24 -17.77
C ALA B 57 33.13 9.39 -16.97
N LEU B 58 33.03 9.30 -15.65
CA LEU B 58 34.19 9.20 -14.78
C LEU B 58 34.09 7.96 -13.91
N ALA B 59 35.07 7.07 -13.99
CA ALA B 59 35.16 5.91 -13.10
C ALA B 59 35.57 6.34 -11.69
N VAL B 60 34.88 5.83 -10.68
CA VAL B 60 35.28 6.08 -9.29
C VAL B 60 35.14 4.82 -8.42
N ALA B 61 36.27 4.33 -7.91
CA ALA B 61 36.24 3.15 -7.06
C ALA B 61 35.87 3.60 -5.65
N ALA B 62 34.92 2.91 -5.03
CA ALA B 62 34.50 3.27 -3.68
C ALA B 62 33.78 2.13 -3.00
N ASP B 63 34.09 1.92 -1.72
CA ASP B 63 33.24 1.13 -0.83
C ASP B 63 32.31 2.09 -0.11
N ILE B 64 31.07 2.19 -0.58
CA ILE B 64 30.14 3.20 -0.04
C ILE B 64 29.69 2.95 1.43
N SER B 65 30.10 1.86 2.03
CA SER B 65 29.79 1.60 3.42
C SER B 65 30.76 2.37 4.34
N LYS B 66 31.81 2.93 3.74
CA LYS B 66 32.81 3.72 4.45
C LYS B 66 32.65 5.19 4.11
N GLU B 67 32.57 6.03 5.14
CA GLU B 67 32.40 7.47 4.99
C GLU B 67 33.52 8.09 4.15
N ALA B 68 34.77 7.70 4.42
CA ALA B 68 35.92 8.22 3.66
C ALA B 68 35.80 8.00 2.13
N ASP B 69 35.38 6.80 1.71
CA ASP B 69 35.16 6.50 0.28
C ASP B 69 34.04 7.37 -0.32
N VAL B 70 32.95 7.51 0.41
CA VAL B 70 31.86 8.43 0.01
C VAL B 70 32.34 9.90 -0.17
N ASP B 71 33.07 10.43 0.80
CA ASP B 71 33.50 11.82 0.71
C ASP B 71 34.37 11.94 -0.54
N ALA B 72 35.30 11.01 -0.72
CA ALA B 72 36.19 11.04 -1.87
C ALA B 72 35.43 10.95 -3.21
N ALA B 73 34.38 10.14 -3.24
CA ALA B 73 33.61 9.94 -4.46
C ALA B 73 32.90 11.22 -4.85
N VAL B 74 32.26 11.84 -3.85
CA VAL B 74 31.53 13.10 -4.04
C VAL B 74 32.50 14.21 -4.49
N GLU B 75 33.67 14.32 -3.85
CA GLU B 75 34.75 15.26 -4.22
CA GLU B 75 34.59 15.36 -4.29
C GLU B 75 35.21 15.06 -5.65
N ALA B 76 35.38 13.80 -6.03
CA ALA B 76 35.84 13.50 -7.37
C ALA B 76 34.77 13.90 -8.39
N ALA B 77 33.52 13.55 -8.11
CA ALA B 77 32.38 13.98 -8.93
C ALA B 77 32.38 15.49 -9.15
N LEU B 78 32.43 16.25 -8.06
CA LEU B 78 32.37 17.72 -8.14
C LEU B 78 33.60 18.28 -8.83
N SER B 79 34.76 17.69 -8.54
CA SER B 79 36.02 18.10 -9.15
C SER B 79 35.92 17.96 -10.67
N LYS B 80 35.51 16.80 -11.15
CA LYS B 80 35.46 16.54 -12.58
C LYS B 80 34.35 17.28 -13.33
N PHE B 81 33.15 17.32 -12.75
CA PHE B 81 31.97 17.82 -13.47
C PHE B 81 31.34 19.12 -12.90
N GLY B 82 31.87 19.65 -11.80
CA GLY B 82 31.34 20.89 -11.22
C GLY B 82 30.03 20.77 -10.41
N LYS B 83 29.20 19.77 -10.71
CA LYS B 83 27.94 19.56 -9.98
C LYS B 83 27.41 18.14 -10.16
N VAL B 84 26.43 17.77 -9.34
CA VAL B 84 25.72 16.51 -9.50
C VAL B 84 24.26 16.89 -9.33
N ASP B 85 23.43 16.42 -10.25
CA ASP B 85 22.00 16.74 -10.29
C ASP B 85 21.21 15.51 -9.91
N ILE B 86 21.76 14.33 -10.19
CA ILE B 86 21.04 13.06 -10.01
C ILE B 86 21.92 12.10 -9.21
N LEU B 87 21.34 11.56 -8.13
CA LEU B 87 21.98 10.47 -7.42
C LEU B 87 21.13 9.22 -7.61
N VAL B 88 21.75 8.16 -8.12
CA VAL B 88 21.09 6.84 -8.19
C VAL B 88 21.76 5.89 -7.18
N ASN B 89 21.03 5.59 -6.10
CA ASN B 89 21.49 4.56 -5.16
C ASN B 89 21.10 3.18 -5.65
N ASN B 90 22.04 2.46 -6.22
CA ASN B 90 21.76 1.16 -6.84
C ASN B 90 22.63 0.00 -6.30
N ALA B 91 23.78 0.31 -5.71
CA ALA B 91 24.63 -0.72 -5.13
C ALA B 91 23.87 -1.52 -4.04
N GLY B 92 23.97 -2.85 -4.11
CA GLY B 92 23.29 -3.73 -3.18
C GLY B 92 23.97 -5.06 -3.09
N ILE B 93 24.02 -5.64 -1.89
CA ILE B 93 24.47 -7.02 -1.72
C ILE B 93 23.40 -7.80 -0.96
N GLY B 94 23.51 -9.13 -0.99
CA GLY B 94 22.50 -9.99 -0.38
C GLY B 94 23.15 -11.22 0.16
N HIS B 95 22.33 -12.24 0.43
CA HIS B 95 22.84 -13.54 0.88
C HIS B 95 22.28 -14.67 -0.02
N LYS B 96 22.99 -15.79 -0.08
CA LYS B 96 22.39 -16.95 -0.73
C LYS B 96 21.00 -17.13 -0.10
N PRO B 97 19.96 -17.42 -0.91
CA PRO B 97 18.72 -17.83 -0.27
C PRO B 97 19.01 -18.89 0.79
N GLN B 98 18.38 -18.75 1.96
CA GLN B 98 18.51 -19.71 3.05
C GLN B 98 17.55 -19.27 4.16
N ASN B 99 17.28 -20.20 5.06
CA ASN B 99 16.57 -19.92 6.28
C ASN B 99 17.19 -18.71 6.98
N ALA B 100 16.31 -17.79 7.40
CA ALA B 100 16.69 -16.52 8.00
C ALA B 100 17.64 -16.66 9.17
N GLU B 101 17.37 -17.65 10.02
CA GLU B 101 18.15 -17.81 11.24
C GLU B 101 19.55 -18.30 10.97
N LEU B 102 19.83 -18.72 9.74
CA LEU B 102 21.19 -19.18 9.37
C LEU B 102 22.13 -18.08 8.89
N VAL B 103 21.61 -16.87 8.67
CA VAL B 103 22.46 -15.74 8.27
C VAL B 103 23.07 -15.20 9.54
N GLU B 104 24.38 -15.27 9.61
CA GLU B 104 25.13 -14.94 10.83
C GLU B 104 25.42 -13.45 10.88
N PRO B 105 25.75 -12.93 12.08
CA PRO B 105 25.91 -11.48 12.26
C PRO B 105 26.90 -10.78 11.30
N GLU B 106 28.04 -11.41 11.03
CA GLU B 106 29.07 -10.78 10.20
C GLU B 106 28.51 -10.51 8.82
N GLU B 107 27.71 -11.45 8.31
CA GLU B 107 27.12 -11.34 7.00
C GLU B 107 25.92 -10.37 7.06
N PHE B 108 25.11 -10.47 8.11
CA PHE B 108 23.98 -9.56 8.28
C PHE B 108 24.49 -8.12 8.28
N ASP B 109 25.53 -7.86 9.06
CA ASP B 109 26.08 -6.49 9.19
C ASP B 109 26.66 -5.95 7.89
N ARG B 110 27.26 -6.83 7.08
CA ARG B 110 27.85 -6.42 5.81
CA ARG B 110 27.84 -6.40 5.81
C ARG B 110 26.75 -5.97 4.85
N ILE B 111 25.66 -6.73 4.82
CA ILE B 111 24.52 -6.39 3.98
C ILE B 111 23.96 -5.00 4.34
N VAL B 112 23.74 -4.78 5.64
CA VAL B 112 23.31 -3.48 6.16
C VAL B 112 24.32 -2.36 5.79
N GLY B 113 25.61 -2.67 5.82
CA GLY B 113 26.64 -1.69 5.54
C GLY B 113 26.52 -1.11 4.16
N VAL B 114 26.16 -1.94 3.18
CA VAL B 114 26.04 -1.49 1.80
C VAL B 114 24.65 -0.96 1.54
N ASN B 115 23.64 -1.74 1.89
CA ASN B 115 22.25 -1.49 1.45
C ASN B 115 21.57 -0.45 2.30
N VAL B 116 22.03 -0.28 3.53
CA VAL B 116 21.42 0.68 4.43
C VAL B 116 22.37 1.86 4.69
N ARG B 117 23.53 1.59 5.29
CA ARG B 117 24.47 2.66 5.65
C ARG B 117 25.03 3.36 4.39
N GLY B 118 25.29 2.60 3.32
CA GLY B 118 25.82 3.18 2.07
C GLY B 118 24.86 4.17 1.44
N VAL B 119 23.57 3.82 1.41
CA VAL B 119 22.56 4.77 0.92
C VAL B 119 22.50 6.03 1.83
N TYR B 120 22.42 5.83 3.15
CA TYR B 120 22.47 6.98 4.08
C TYR B 120 23.72 7.83 3.85
N LEU B 121 24.89 7.21 3.76
CA LEU B 121 26.14 7.96 3.58
C LEU B 121 26.14 8.77 2.28
N MET B 122 25.86 8.11 1.16
CA MET B 122 25.93 8.75 -0.15
C MET B 122 24.86 9.85 -0.25
N THR B 123 23.69 9.57 0.30
CA THR B 123 22.59 10.52 0.19
C THR B 123 22.86 11.76 1.06
N SER B 124 23.30 11.54 2.29
CA SER B 124 23.43 12.66 3.19
C SER B 124 24.59 13.55 2.79
N LYS B 125 25.57 12.94 2.15
CA LYS B 125 26.74 13.68 1.69
C LYS B 125 26.46 14.54 0.45
N LEU B 126 25.36 14.25 -0.25
CA LEU B 126 24.98 15.02 -1.44
C LEU B 126 23.86 16.00 -1.20
N ILE B 127 23.10 15.82 -0.12
CA ILE B 127 21.96 16.70 0.14
C ILE B 127 22.30 18.20 0.20
N PRO B 128 23.40 18.57 0.90
CA PRO B 128 23.72 20.02 0.96
C PRO B 128 23.96 20.60 -0.41
N HIS B 129 24.71 19.86 -1.23
CA HIS B 129 24.92 20.24 -2.65
C HIS B 129 23.60 20.30 -3.45
N PHE B 130 22.72 19.32 -3.25
CA PHE B 130 21.42 19.34 -3.92
C PHE B 130 20.59 20.53 -3.46
N LYS B 131 20.69 20.88 -2.18
CA LYS B 131 19.98 22.04 -1.67
C LYS B 131 20.46 23.36 -2.35
N GLU B 132 21.78 23.50 -2.47
CA GLU B 132 22.39 24.64 -3.19
C GLU B 132 21.86 24.75 -4.62
N ASN B 133 21.90 23.65 -5.33
CA ASN B 133 21.36 23.58 -6.70
C ASN B 133 19.88 23.96 -6.74
N GLY B 134 19.11 23.49 -5.77
CA GLY B 134 17.69 23.79 -5.67
C GLY B 134 17.41 25.27 -5.53
N ALA B 135 18.23 25.96 -4.73
CA ALA B 135 18.10 27.41 -4.48
C ALA B 135 18.47 28.21 -5.72
N LYS B 136 19.28 27.62 -6.61
CA LYS B 136 19.63 28.20 -7.91
C LYS B 136 18.65 27.79 -9.03
N GLY B 137 17.49 27.23 -8.64
CA GLY B 137 16.46 26.87 -9.62
C GLY B 137 16.70 25.56 -10.35
N GLN B 138 17.68 24.75 -9.89
CA GLN B 138 18.04 23.50 -10.55
CA GLN B 138 17.98 23.51 -10.58
C GLN B 138 17.50 22.29 -9.78
N GLU B 139 16.47 21.62 -10.31
CA GLU B 139 15.86 20.45 -9.69
C GLU B 139 16.78 19.24 -9.69
N CYS B 140 16.89 18.59 -8.54
CA CYS B 140 17.73 17.40 -8.35
C CYS B 140 16.85 16.21 -8.01
N VAL B 141 17.35 15.01 -8.30
CA VAL B 141 16.55 13.80 -8.15
C VAL B 141 17.42 12.77 -7.49
N ILE B 142 16.86 12.10 -6.49
CA ILE B 142 17.47 10.95 -5.89
C ILE B 142 16.61 9.77 -6.31
N LEU B 143 17.21 8.79 -6.97
CA LEU B 143 16.49 7.59 -7.33
C LEU B 143 17.09 6.41 -6.56
N ASN B 144 16.22 5.71 -5.85
CA ASN B 144 16.59 4.57 -5.06
C ASN B 144 16.13 3.30 -5.72
N VAL B 145 17.08 2.40 -5.93
CA VAL B 145 16.73 1.12 -6.51
C VAL B 145 16.46 0.12 -5.40
N ALA B 146 15.21 -0.27 -5.24
CA ALA B 146 14.86 -1.21 -4.19
C ALA B 146 14.59 -2.59 -4.83
N SER B 147 13.41 -3.16 -4.62
CA SER B 147 13.12 -4.51 -5.13
C SER B 147 11.66 -4.86 -4.88
N THR B 148 11.08 -5.78 -5.67
CA THR B 148 9.70 -6.24 -5.43
C THR B 148 9.63 -7.00 -4.13
N GLY B 149 10.76 -7.59 -3.75
CA GLY B 149 10.87 -8.30 -2.46
C GLY B 149 10.61 -7.43 -1.23
N ALA B 150 10.77 -6.10 -1.36
CA ALA B 150 10.52 -5.18 -0.24
C ALA B 150 9.10 -5.33 0.30
N GLY B 151 8.14 -5.36 -0.64
CA GLY B 151 6.71 -5.47 -0.31
C GLY B 151 6.11 -6.82 -0.67
N ARG B 152 6.77 -7.60 -1.52
CA ARG B 152 6.24 -8.94 -1.87
C ARG B 152 7.34 -9.99 -1.75
N PRO B 153 7.81 -10.25 -0.51
CA PRO B 153 8.91 -11.21 -0.37
C PRO B 153 8.42 -12.61 -0.67
N ARG B 154 9.34 -13.46 -1.14
CA ARG B 154 9.14 -14.91 -1.15
C ARG B 154 10.10 -15.44 -0.06
N PRO B 155 9.88 -16.69 0.43
CA PRO B 155 10.76 -17.20 1.48
C PRO B 155 12.23 -17.19 1.10
N ASN B 156 13.10 -17.09 2.11
CA ASN B 156 14.58 -17.24 2.04
C ASN B 156 15.45 -16.04 1.76
N LEU B 157 14.87 -14.86 1.63
CA LEU B 157 15.72 -13.66 1.45
C LEU B 157 15.41 -12.56 2.45
N ALA B 158 15.06 -12.98 3.69
CA ALA B 158 14.45 -12.09 4.69
C ALA B 158 15.21 -10.79 4.98
N TRP B 159 16.51 -10.91 5.25
CA TRP B 159 17.26 -9.74 5.70
C TRP B 159 17.59 -8.85 4.53
N TYR B 160 17.74 -9.46 3.36
CA TYR B 160 17.98 -8.71 2.13
C TYR B 160 16.73 -7.89 1.80
N ASN B 161 15.60 -8.59 1.70
CA ASN B 161 14.27 -7.95 1.48
C ASN B 161 13.96 -6.86 2.47
N ALA B 162 14.38 -7.04 3.71
CA ALA B 162 14.18 -6.01 4.73
C ALA B 162 14.95 -4.69 4.42
N THR B 163 16.18 -4.80 3.90
CA THR B 163 16.96 -3.61 3.61
C THR B 163 16.29 -2.82 2.50
N LYS B 164 15.64 -3.56 1.60
CA LYS B 164 14.90 -2.99 0.49
C LYS B 164 13.62 -2.26 0.96
N GLY B 165 12.97 -2.81 1.99
CA GLY B 165 11.91 -2.11 2.71
C GLY B 165 12.41 -0.81 3.34
N TRP B 166 13.60 -0.86 3.93
CA TRP B 166 14.22 0.36 4.47
C TRP B 166 14.35 1.45 3.38
N VAL B 167 14.79 1.05 2.18
CA VAL B 167 15.01 1.93 1.04
C VAL B 167 13.71 2.55 0.52
N VAL B 168 12.65 1.75 0.41
CA VAL B 168 11.33 2.29 0.00
C VAL B 168 10.79 3.30 1.02
N SER B 169 10.98 2.98 2.29
CA SER B 169 10.56 3.86 3.38
C SER B 169 11.39 5.16 3.39
N VAL B 170 12.71 5.05 3.26
CA VAL B 170 13.55 6.25 3.20
C VAL B 170 13.20 7.13 1.97
N THR B 171 12.70 6.51 0.89
CA THR B 171 12.29 7.26 -0.30
C THR B 171 11.15 8.19 0.06
N LYS B 172 10.15 7.64 0.72
CA LYS B 172 9.00 8.42 1.15
C LYS B 172 9.41 9.54 2.12
N ALA B 173 10.22 9.20 3.13
CA ALA B 173 10.61 10.18 4.16
C ALA B 173 11.39 11.35 3.56
N LEU B 174 12.40 11.03 2.75
CA LEU B 174 13.20 12.09 2.14
C LEU B 174 12.43 12.91 1.12
N ALA B 175 11.50 12.25 0.42
CA ALA B 175 10.68 12.93 -0.57
C ALA B 175 9.85 14.05 0.07
N ILE B 176 9.22 13.74 1.19
CA ILE B 176 8.36 14.71 1.87
C ILE B 176 9.23 15.84 2.44
N GLU B 177 10.34 15.48 3.07
CA GLU B 177 11.28 16.46 3.64
C GLU B 177 11.95 17.41 2.60
N LEU B 178 12.32 16.87 1.45
CA LEU B 178 13.11 17.65 0.51
C LEU B 178 12.34 18.27 -0.63
N ALA B 179 11.07 17.92 -0.80
CA ALA B 179 10.26 18.54 -1.86
C ALA B 179 10.36 20.08 -1.88
N PRO B 180 10.26 20.76 -0.70
CA PRO B 180 10.42 22.22 -0.69
C PRO B 180 11.77 22.74 -1.16
N ALA B 181 12.80 21.88 -1.13
CA ALA B 181 14.14 22.24 -1.58
C ALA B 181 14.38 21.94 -3.06
N LYS B 182 13.31 21.53 -3.77
CA LYS B 182 13.37 21.23 -5.22
C LYS B 182 14.13 19.93 -5.56
N ILE B 183 14.00 18.96 -4.65
CA ILE B 183 14.67 17.67 -4.79
C ILE B 183 13.61 16.59 -4.75
N ARG B 184 13.49 15.82 -5.83
CA ARG B 184 12.55 14.72 -5.87
C ARG B 184 13.27 13.46 -5.40
N VAL B 185 12.51 12.53 -4.83
CA VAL B 185 13.08 11.27 -4.36
C VAL B 185 12.08 10.19 -4.71
N VAL B 186 12.53 9.25 -5.56
CA VAL B 186 11.69 8.21 -6.11
C VAL B 186 12.42 6.89 -6.03
N ALA B 187 11.64 5.82 -6.11
CA ALA B 187 12.21 4.49 -6.03
C ALA B 187 11.70 3.64 -7.18
N LEU B 188 12.50 2.66 -7.56
CA LEU B 188 12.09 1.60 -8.47
C LEU B 188 12.22 0.24 -7.76
N ASN B 189 11.24 -0.63 -8.04
CA ASN B 189 11.21 -2.00 -7.55
C ASN B 189 11.31 -2.97 -8.75
N PRO B 190 12.56 -3.34 -9.15
CA PRO B 190 12.74 -4.41 -10.15
C PRO B 190 12.38 -5.76 -9.57
N VAL B 191 12.10 -6.72 -10.45
CA VAL B 191 11.67 -8.01 -10.00
C VAL B 191 12.87 -8.90 -9.66
N ILE B 217 6.11 -13.99 -12.90
CA ILE B 217 6.12 -12.89 -13.89
C ILE B 217 5.04 -13.03 -14.98
N PRO B 218 3.83 -12.51 -14.71
CA PRO B 218 2.71 -12.65 -15.64
C PRO B 218 3.01 -12.21 -17.09
N MET B 219 3.82 -11.17 -17.29
CA MET B 219 4.15 -10.73 -18.67
C MET B 219 4.94 -11.80 -19.44
N GLY B 220 5.46 -12.79 -18.70
CA GLY B 220 6.09 -13.97 -19.29
C GLY B 220 7.55 -13.88 -19.74
N ARG B 221 8.20 -12.73 -19.57
CA ARG B 221 9.63 -12.63 -19.90
C ARG B 221 10.47 -12.06 -18.76
N LEU B 222 11.78 -12.22 -18.85
CA LEU B 222 12.67 -11.68 -17.82
C LEU B 222 12.88 -10.17 -17.97
N LEU B 223 13.21 -9.53 -16.85
CA LEU B 223 13.50 -8.11 -16.85
C LEU B 223 14.92 -7.88 -17.32
N LYS B 224 15.09 -6.98 -18.26
CA LYS B 224 16.40 -6.63 -18.74
C LYS B 224 16.84 -5.25 -18.17
N PRO B 225 18.17 -5.03 -18.07
CA PRO B 225 18.71 -3.73 -17.64
C PRO B 225 18.13 -2.52 -18.39
N ASP B 226 17.92 -2.66 -19.68
CA ASP B 226 17.35 -1.56 -20.48
CA ASP B 226 17.36 -1.57 -20.48
C ASP B 226 15.89 -1.26 -20.13
N ASP B 227 15.13 -2.27 -19.68
CA ASP B 227 13.74 -2.02 -19.24
C ASP B 227 13.74 -1.09 -18.02
N LEU B 228 14.57 -1.41 -17.04
CA LEU B 228 14.71 -0.60 -15.83
C LEU B 228 15.32 0.76 -16.15
N ALA B 229 16.35 0.74 -17.00
CA ALA B 229 17.01 1.96 -17.47
C ALA B 229 16.01 3.00 -17.98
N GLU B 230 15.07 2.56 -18.80
CA GLU B 230 14.05 3.48 -19.31
C GLU B 230 13.17 4.05 -18.21
N ALA B 231 12.74 3.22 -17.26
CA ALA B 231 11.92 3.75 -16.14
C ALA B 231 12.72 4.78 -15.36
N ALA B 232 14.01 4.48 -15.14
CA ALA B 232 14.92 5.38 -14.46
C ALA B 232 15.11 6.69 -15.22
N ALA B 233 15.33 6.61 -16.53
CA ALA B 233 15.54 7.82 -17.34
C ALA B 233 14.33 8.68 -17.33
N PHE B 234 13.15 8.06 -17.39
CA PHE B 234 11.89 8.80 -17.23
C PHE B 234 11.81 9.54 -15.88
N LEU B 235 11.99 8.81 -14.77
CA LEU B 235 11.79 9.36 -13.44
C LEU B 235 12.81 10.43 -13.09
N CYS B 236 13.99 10.39 -13.72
CA CYS B 236 15.06 11.34 -13.38
C CYS B 236 15.07 12.56 -14.28
N SER B 237 14.12 12.63 -15.20
CA SER B 237 14.02 13.72 -16.17
C SER B 237 12.91 14.72 -15.82
N PRO B 238 12.94 15.91 -16.44
CA PRO B 238 11.93 16.93 -16.26
C PRO B 238 10.54 16.45 -16.68
N GLN B 239 10.44 15.37 -17.45
CA GLN B 239 9.10 14.88 -17.84
C GLN B 239 8.36 14.23 -16.65
N ALA B 240 9.09 14.08 -15.55
CA ALA B 240 8.52 13.54 -14.33
C ALA B 240 8.64 14.55 -13.21
N SER B 241 8.67 15.84 -13.54
CA SER B 241 8.93 16.91 -12.55
C SER B 241 7.92 16.98 -11.41
N MET B 242 6.77 16.34 -11.57
CA MET B 242 5.74 16.39 -10.55
C MET B 242 5.61 15.05 -9.82
N ILE B 243 6.56 14.15 -10.07
CA ILE B 243 6.56 12.81 -9.45
C ILE B 243 7.62 12.69 -8.35
N THR B 244 7.16 12.60 -7.11
CA THR B 244 8.06 12.36 -6.02
C THR B 244 7.43 11.49 -4.93
N GLY B 245 8.27 10.72 -4.24
CA GLY B 245 7.84 9.90 -3.12
C GLY B 245 7.25 8.54 -3.51
N VAL B 246 7.35 8.18 -4.79
CA VAL B 246 6.73 6.95 -5.28
C VAL B 246 7.74 5.82 -5.34
N ALA B 247 7.27 4.58 -5.24
CA ALA B 247 8.06 3.42 -5.63
C ALA B 247 7.37 2.69 -6.81
N LEU B 248 7.97 2.81 -7.99
CA LEU B 248 7.41 2.24 -9.21
C LEU B 248 7.90 0.80 -9.42
N ASP B 249 6.97 -0.14 -9.42
CA ASP B 249 7.28 -1.54 -9.72
C ASP B 249 7.53 -1.66 -11.22
N VAL B 250 8.68 -2.25 -11.57
CA VAL B 250 9.00 -2.60 -12.95
C VAL B 250 9.26 -4.09 -12.96
N ASP B 251 8.22 -4.89 -13.20
CA ASP B 251 8.26 -6.30 -12.80
C ASP B 251 7.37 -7.25 -13.62
N GLY B 252 6.99 -6.82 -14.81
CA GLY B 252 6.06 -7.58 -15.62
C GLY B 252 4.81 -8.07 -14.90
N GLY B 253 4.46 -7.41 -13.81
CA GLY B 253 3.26 -7.79 -13.07
C GLY B 253 3.49 -8.67 -11.83
N ARG B 254 4.75 -9.00 -11.51
CA ARG B 254 5.05 -9.89 -10.37
C ARG B 254 4.41 -9.46 -9.06
N SER B 255 4.35 -8.15 -8.82
CA SER B 255 3.90 -7.63 -7.52
C SER B 255 2.38 -7.61 -7.35
N ILE B 256 1.64 -7.89 -8.43
CA ILE B 256 0.19 -7.76 -8.38
C ILE B 256 -0.39 -8.72 -7.33
N MET C 5 8.14 10.43 -31.59
CA MET C 5 7.40 9.38 -32.39
C MET C 5 7.30 8.00 -31.68
N SER C 6 7.19 8.02 -30.35
CA SER C 6 7.12 6.76 -29.57
C SER C 6 5.82 5.95 -29.79
N LEU C 7 4.76 6.64 -30.18
CA LEU C 7 3.45 6.03 -30.39
C LEU C 7 3.04 6.01 -31.84
N GLU C 8 4.00 6.16 -32.76
CA GLU C 8 3.68 6.21 -34.19
C GLU C 8 3.04 4.89 -34.59
N GLY C 9 2.00 4.98 -35.43
CA GLY C 9 1.23 3.79 -35.83
C GLY C 9 0.22 3.24 -34.81
N LYS C 10 0.16 3.82 -33.62
CA LYS C 10 -0.77 3.33 -32.59
C LYS C 10 -2.07 4.13 -32.62
N VAL C 11 -3.16 3.51 -32.17
CA VAL C 11 -4.47 4.15 -32.11
C VAL C 11 -4.95 4.17 -30.65
N ALA C 12 -5.25 5.36 -30.11
CA ALA C 12 -5.64 5.51 -28.70
C ALA C 12 -7.06 6.01 -28.60
N LEU C 13 -7.90 5.35 -27.83
CA LEU C 13 -9.21 5.92 -27.58
C LEU C 13 -9.15 6.45 -26.18
N ILE C 14 -9.58 7.69 -26.01
CA ILE C 14 -9.51 8.40 -24.74
C ILE C 14 -10.91 8.92 -24.40
N THR C 15 -11.41 8.58 -23.20
CA THR C 15 -12.74 9.07 -22.74
C THR C 15 -12.54 10.42 -22.02
N GLY C 16 -13.61 11.22 -21.91
CA GLY C 16 -13.49 12.57 -21.34
C GLY C 16 -12.39 13.41 -22.00
N ALA C 17 -12.23 13.26 -23.30
CA ALA C 17 -11.14 13.89 -24.02
C ALA C 17 -11.56 15.25 -24.55
N GLY C 18 -12.78 15.69 -24.23
CA GLY C 18 -13.27 17.01 -24.65
C GLY C 18 -12.70 18.20 -23.87
N SER C 19 -11.99 17.93 -22.77
CA SER C 19 -11.41 18.99 -21.93
C SER C 19 -10.35 18.42 -20.98
N GLY C 20 -9.65 19.29 -20.27
CA GLY C 20 -8.84 18.89 -19.11
C GLY C 20 -7.75 17.86 -19.38
N PHE C 21 -7.54 16.98 -18.43
CA PHE C 21 -6.52 15.94 -18.57
C PHE C 21 -6.67 15.13 -19.89
N GLY C 22 -7.92 14.77 -20.25
CA GLY C 22 -8.17 13.88 -21.41
C GLY C 22 -7.77 14.60 -22.69
N GLU C 23 -8.15 15.88 -22.79
CA GLU C 23 -7.78 16.69 -23.93
C GLU C 23 -6.27 16.83 -23.99
N GLY C 24 -5.65 17.05 -22.83
CA GLY C 24 -4.18 17.10 -22.71
C GLY C 24 -3.52 15.80 -23.19
N MET C 25 -4.04 14.65 -22.75
CA MET C 25 -3.49 13.36 -23.19
C MET C 25 -3.63 13.16 -24.68
N ALA C 26 -4.76 13.58 -25.22
CA ALA C 26 -5.07 13.37 -26.62
C ALA C 26 -4.12 14.15 -27.54
N LYS C 27 -3.86 15.40 -27.19
CA LYS C 27 -2.93 16.21 -27.95
C LYS C 27 -1.52 15.68 -27.84
N ARG C 28 -1.14 15.22 -26.65
CA ARG C 28 0.19 14.68 -26.43
C ARG C 28 0.43 13.37 -27.20
N PHE C 29 -0.52 12.45 -27.14
CA PHE C 29 -0.43 11.20 -27.89
C PHE C 29 -0.36 11.45 -29.39
N ALA C 30 -1.16 12.40 -29.89
CA ALA C 30 -1.12 12.72 -31.31
C ALA C 30 0.22 13.34 -31.72
N LYS C 31 0.79 14.18 -30.85
CA LYS C 31 2.14 14.71 -31.10
C LYS C 31 3.19 13.59 -31.14
N GLY C 32 2.95 12.52 -30.40
CA GLY C 32 3.81 11.34 -30.47
C GLY C 32 3.55 10.37 -31.62
N GLY C 33 2.65 10.72 -32.55
CA GLY C 33 2.42 9.85 -33.73
C GLY C 33 1.15 9.01 -33.68
N ALA C 34 0.43 9.04 -32.57
CA ALA C 34 -0.75 8.22 -32.46
C ALA C 34 -1.95 8.85 -33.18
N LYS C 35 -2.82 8.01 -33.74
CA LYS C 35 -4.18 8.42 -34.07
C LYS C 35 -4.95 8.45 -32.74
N VAL C 36 -5.92 9.35 -32.62
CA VAL C 36 -6.68 9.49 -31.38
C VAL C 36 -8.18 9.57 -31.62
N VAL C 37 -8.92 8.79 -30.86
CA VAL C 37 -10.36 8.86 -30.85
C VAL C 37 -10.79 9.66 -29.62
N ILE C 38 -11.45 10.78 -29.86
CA ILE C 38 -11.80 11.72 -28.81
C ILE C 38 -13.23 11.44 -28.39
N VAL C 39 -13.41 10.74 -27.27
CA VAL C 39 -14.74 10.36 -26.82
C VAL C 39 -15.15 11.24 -25.66
N ASP C 40 -16.31 11.85 -25.76
CA ASP C 40 -16.81 12.70 -24.68
C ASP C 40 -18.32 12.78 -24.76
N ARG C 41 -18.98 12.98 -23.62
CA ARG C 41 -20.42 13.21 -23.59
C ARG C 41 -20.77 14.57 -24.18
N ASP C 42 -19.89 15.54 -23.98
CA ASP C 42 -20.01 16.86 -24.59
C ASP C 42 -19.51 16.77 -26.04
N LYS C 43 -20.45 16.68 -26.96
CA LYS C 43 -20.20 16.55 -28.41
C LYS C 43 -19.40 17.73 -28.99
N ALA C 44 -19.81 18.95 -28.66
CA ALA C 44 -19.10 20.13 -29.15
C ALA C 44 -17.63 20.16 -28.67
N GLY C 45 -17.40 19.76 -27.42
CA GLY C 45 -16.04 19.62 -26.87
C GLY C 45 -15.15 18.62 -27.59
N ALA C 46 -15.71 17.43 -27.88
CA ALA C 46 -15.02 16.38 -28.65
C ALA C 46 -14.62 16.87 -30.04
N GLU C 47 -15.58 17.54 -30.70
CA GLU C 47 -15.39 18.10 -32.05
C GLU C 47 -14.37 19.23 -32.06
N ARG C 48 -14.36 20.06 -31.02
CA ARG C 48 -13.33 21.07 -30.92
C ARG C 48 -11.94 20.43 -30.80
N VAL C 49 -11.78 19.48 -29.87
CA VAL C 49 -10.46 18.87 -29.62
C VAL C 49 -9.93 18.11 -30.84
N ALA C 50 -10.83 17.40 -31.53
CA ALA C 50 -10.48 16.68 -32.76
C ALA C 50 -10.05 17.66 -33.88
N GLY C 51 -10.75 18.79 -33.98
CA GLY C 51 -10.43 19.82 -34.97
C GLY C 51 -9.12 20.53 -34.67
N GLU C 52 -8.73 20.57 -33.39
CA GLU C 52 -7.51 21.23 -32.97
C GLU C 52 -6.28 20.34 -33.19
N ILE C 53 -6.54 19.04 -33.34
CA ILE C 53 -5.45 18.07 -33.57
C ILE C 53 -5.27 17.83 -35.09
N GLY C 54 -6.38 17.72 -35.81
CA GLY C 54 -6.37 17.47 -37.25
C GLY C 54 -6.75 16.06 -37.65
N ASP C 55 -6.21 15.61 -38.78
CA ASP C 55 -6.59 14.35 -39.45
C ASP C 55 -6.33 13.10 -38.61
N ALA C 56 -5.42 13.20 -37.64
CA ALA C 56 -5.14 12.07 -36.76
C ALA C 56 -6.27 11.82 -35.74
N ALA C 57 -7.21 12.75 -35.62
CA ALA C 57 -8.23 12.68 -34.56
C ALA C 57 -9.65 12.47 -35.06
N LEU C 58 -10.41 11.65 -34.33
CA LEU C 58 -11.83 11.45 -34.61
C LEU C 58 -12.61 11.79 -33.37
N ALA C 59 -13.65 12.62 -33.53
CA ALA C 59 -14.56 12.94 -32.45
C ALA C 59 -15.69 11.92 -32.36
N VAL C 60 -16.01 11.52 -31.14
CA VAL C 60 -17.10 10.59 -30.89
C VAL C 60 -17.88 11.11 -29.69
N ALA C 61 -19.17 11.35 -29.90
CA ALA C 61 -20.07 11.71 -28.81
C ALA C 61 -20.54 10.42 -28.15
N ALA C 62 -20.40 10.31 -26.85
CA ALA C 62 -20.86 9.13 -26.12
C ALA C 62 -21.03 9.43 -24.65
N ASP C 63 -22.10 8.89 -24.06
CA ASP C 63 -22.24 8.83 -22.60
C ASP C 63 -21.80 7.42 -22.28
N ILE C 64 -20.56 7.26 -21.84
CA ILE C 64 -20.02 5.91 -21.60
C ILE C 64 -20.72 5.09 -20.52
N SER C 65 -21.61 5.69 -19.72
CA SER C 65 -22.43 4.89 -18.79
C SER C 65 -23.46 3.99 -19.51
N LYS C 66 -23.66 4.23 -20.81
CA LYS C 66 -24.70 3.55 -21.60
C LYS C 66 -24.10 2.56 -22.58
N GLU C 67 -24.50 1.30 -22.47
CA GLU C 67 -23.99 0.28 -23.38
C GLU C 67 -24.11 0.66 -24.85
N ALA C 68 -25.27 1.22 -25.20
CA ALA C 68 -25.52 1.57 -26.58
C ALA C 68 -24.49 2.60 -27.05
N ASP C 69 -24.20 3.60 -26.22
CA ASP C 69 -23.29 4.67 -26.61
C ASP C 69 -21.89 4.09 -26.78
N VAL C 70 -21.53 3.15 -25.91
CA VAL C 70 -20.21 2.51 -25.93
C VAL C 70 -20.04 1.64 -27.18
N ASP C 71 -21.07 0.84 -27.51
CA ASP C 71 -21.08 0.06 -28.77
C ASP C 71 -20.84 0.93 -29.99
N ALA C 72 -21.61 2.01 -30.16
CA ALA C 72 -21.40 2.98 -31.26
C ALA C 72 -19.99 3.60 -31.25
N ALA C 73 -19.50 3.99 -30.07
CA ALA C 73 -18.18 4.59 -29.94
C ALA C 73 -17.10 3.65 -30.46
N VAL C 74 -17.16 2.39 -30.02
CA VAL C 74 -16.16 1.39 -30.44
C VAL C 74 -16.25 1.14 -31.94
N GLU C 75 -17.46 0.92 -32.45
CA GLU C 75 -17.62 0.69 -33.88
C GLU C 75 -17.05 1.86 -34.70
N ALA C 76 -17.28 3.09 -34.24
CA ALA C 76 -16.76 4.26 -34.94
C ALA C 76 -15.22 4.32 -34.99
N ALA C 77 -14.57 4.04 -33.85
CA ALA C 77 -13.10 3.96 -33.78
C ALA C 77 -12.51 2.91 -34.73
N LEU C 78 -13.12 1.74 -34.79
CA LEU C 78 -12.60 0.65 -35.64
C LEU C 78 -12.85 0.91 -37.13
N SER C 79 -14.02 1.43 -37.45
CA SER C 79 -14.37 1.75 -38.82
C SER C 79 -13.49 2.89 -39.37
N LYS C 80 -13.11 3.84 -38.52
CA LYS C 80 -12.23 4.93 -38.95
C LYS C 80 -10.75 4.52 -39.04
N PHE C 81 -10.22 3.94 -37.96
CA PHE C 81 -8.78 3.69 -37.87
C PHE C 81 -8.35 2.21 -38.08
N GLY C 82 -9.32 1.30 -38.18
CA GLY C 82 -9.03 -0.12 -38.44
C GLY C 82 -8.67 -0.93 -37.19
N LYS C 83 -8.22 -0.25 -36.12
CA LYS C 83 -7.80 -0.92 -34.86
C LYS C 83 -7.74 0.08 -33.70
N VAL C 84 -7.66 -0.43 -32.48
CA VAL C 84 -7.30 0.34 -31.26
C VAL C 84 -6.22 -0.41 -30.49
N ASP C 85 -5.19 0.31 -30.08
CA ASP C 85 -4.04 -0.26 -29.38
C ASP C 85 -3.98 0.16 -27.92
N ILE C 86 -4.56 1.33 -27.65
CA ILE C 86 -4.46 1.96 -26.35
C ILE C 86 -5.85 2.43 -25.96
N LEU C 87 -6.28 2.08 -24.75
CA LEU C 87 -7.49 2.66 -24.23
C LEU C 87 -7.17 3.52 -23.01
N VAL C 88 -7.60 4.77 -23.01
CA VAL C 88 -7.45 5.58 -21.80
C VAL C 88 -8.82 5.84 -21.15
N ASN C 89 -9.06 5.23 -19.99
CA ASN C 89 -10.27 5.53 -19.21
C ASN C 89 -10.10 6.77 -18.31
N ASN C 90 -10.51 7.92 -18.83
CA ASN C 90 -10.22 9.17 -18.16
C ASN C 90 -11.49 9.87 -17.70
N ALA C 91 -12.60 9.63 -18.38
CA ALA C 91 -13.85 10.26 -17.98
C ALA C 91 -14.17 9.96 -16.51
N GLY C 92 -14.69 10.97 -15.83
CA GLY C 92 -15.04 10.86 -14.43
C GLY C 92 -15.88 12.04 -14.04
N ILE C 93 -16.86 11.80 -13.18
CA ILE C 93 -17.60 12.86 -12.52
C ILE C 93 -17.54 12.65 -10.99
N GLY C 94 -17.65 13.73 -10.24
CA GLY C 94 -17.76 13.61 -8.78
C GLY C 94 -19.01 14.29 -8.26
N HIS C 95 -18.97 14.65 -6.98
CA HIS C 95 -20.03 15.41 -6.35
C HIS C 95 -19.36 16.56 -5.62
N LYS C 96 -20.09 17.64 -5.41
CA LYS C 96 -19.59 18.75 -4.61
C LYS C 96 -19.17 18.23 -3.21
N PRO C 97 -18.09 18.79 -2.64
CA PRO C 97 -17.70 18.33 -1.32
C PRO C 97 -18.83 18.55 -0.34
N GLN C 98 -19.21 17.50 0.39
CA GLN C 98 -20.24 17.55 1.43
C GLN C 98 -20.12 16.30 2.30
N ASN C 99 -20.73 16.36 3.48
CA ASN C 99 -20.95 15.20 4.32
C ASN C 99 -21.47 14.04 3.46
N ALA C 100 -20.85 12.88 3.63
CA ALA C 100 -21.13 11.73 2.79
C ALA C 100 -22.61 11.36 2.74
N GLU C 101 -23.31 11.50 3.88
CA GLU C 101 -24.68 11.04 3.98
C GLU C 101 -25.64 11.97 3.22
N LEU C 102 -25.14 13.10 2.74
CA LEU C 102 -26.00 14.06 2.07
C LEU C 102 -26.05 13.87 0.55
N VAL C 103 -25.21 12.98 0.02
CA VAL C 103 -25.25 12.68 -1.41
C VAL C 103 -26.40 11.72 -1.60
N GLU C 104 -27.33 12.09 -2.46
CA GLU C 104 -28.53 11.30 -2.59
C GLU C 104 -28.41 10.19 -3.64
N PRO C 105 -29.31 9.19 -3.56
CA PRO C 105 -29.08 8.03 -4.45
C PRO C 105 -28.94 8.39 -5.92
N GLU C 106 -29.75 9.33 -6.43
CA GLU C 106 -29.73 9.62 -7.87
C GLU C 106 -28.35 10.15 -8.31
N GLU C 107 -27.74 10.99 -7.47
CA GLU C 107 -26.40 11.51 -7.74
C GLU C 107 -25.35 10.38 -7.57
N PHE C 108 -25.44 9.64 -6.47
CA PHE C 108 -24.57 8.50 -6.27
C PHE C 108 -24.58 7.59 -7.51
N ASP C 109 -25.78 7.31 -8.04
CA ASP C 109 -25.94 6.36 -9.15
C ASP C 109 -25.27 6.85 -10.44
N ARG C 110 -25.39 8.14 -10.66
CA ARG C 110 -24.79 8.85 -11.78
C ARG C 110 -23.30 8.73 -11.72
N ILE C 111 -22.72 8.99 -10.55
CA ILE C 111 -21.26 8.87 -10.37
C ILE C 111 -20.74 7.44 -10.67
N VAL C 112 -21.34 6.42 -10.06
CA VAL C 112 -21.03 5.01 -10.36
C VAL C 112 -21.22 4.71 -11.87
N GLY C 113 -22.25 5.30 -12.46
CA GLY C 113 -22.53 5.05 -13.87
C GLY C 113 -21.35 5.40 -14.79
N VAL C 114 -20.76 6.56 -14.58
CA VAL C 114 -19.62 7.00 -15.40
C VAL C 114 -18.29 6.37 -14.93
N ASN C 115 -18.01 6.49 -13.64
CA ASN C 115 -16.69 6.16 -13.09
C ASN C 115 -16.43 4.67 -12.95
N VAL C 116 -17.52 3.93 -12.81
CA VAL C 116 -17.44 2.51 -12.59
C VAL C 116 -18.03 1.72 -13.76
N ARG C 117 -19.35 1.88 -14.00
CA ARG C 117 -19.94 1.18 -15.11
C ARG C 117 -19.25 1.62 -16.42
N GLY C 118 -18.92 2.89 -16.54
CA GLY C 118 -18.30 3.38 -17.80
C GLY C 118 -16.96 2.73 -18.10
N VAL C 119 -16.15 2.52 -17.08
CA VAL C 119 -14.87 1.82 -17.27
C VAL C 119 -15.13 0.35 -17.61
N TYR C 120 -16.13 -0.25 -16.95
CA TYR C 120 -16.44 -1.64 -17.22
C TYR C 120 -16.89 -1.79 -18.67
N LEU C 121 -17.76 -0.90 -19.14
CA LEU C 121 -18.28 -1.02 -20.51
C LEU C 121 -17.19 -0.83 -21.56
N MET C 122 -16.44 0.26 -21.44
CA MET C 122 -15.48 0.59 -22.49
C MET C 122 -14.40 -0.50 -22.57
N THR C 123 -13.96 -0.98 -21.40
CA THR C 123 -12.89 -1.96 -21.34
C THR C 123 -13.36 -3.35 -21.78
N SER C 124 -14.55 -3.76 -21.32
CA SER C 124 -14.99 -5.11 -21.68
C SER C 124 -15.34 -5.19 -23.17
N LYS C 125 -15.75 -4.07 -23.76
CA LYS C 125 -16.07 -4.03 -25.19
C LYS C 125 -14.84 -3.94 -26.09
N LEU C 126 -13.70 -3.55 -25.54
CA LEU C 126 -12.49 -3.48 -26.33
C LEU C 126 -11.59 -4.70 -26.13
N ILE C 127 -11.78 -5.43 -25.05
CA ILE C 127 -10.90 -6.55 -24.73
C ILE C 127 -10.80 -7.64 -25.85
N PRO C 128 -11.94 -8.04 -26.46
CA PRO C 128 -11.76 -9.06 -27.46
C PRO C 128 -10.90 -8.51 -28.61
N HIS C 129 -11.08 -7.27 -29.01
CA HIS C 129 -10.23 -6.73 -30.07
C HIS C 129 -8.76 -6.64 -29.61
N PHE C 130 -8.54 -6.26 -28.34
CA PHE C 130 -7.19 -6.13 -27.81
C PHE C 130 -6.49 -7.48 -27.76
N LYS C 131 -7.22 -8.54 -27.43
CA LYS C 131 -6.69 -9.91 -27.47
C LYS C 131 -6.35 -10.38 -28.93
N GLU C 132 -7.12 -9.95 -29.92
CA GLU C 132 -6.74 -10.22 -31.33
C GLU C 132 -5.41 -9.54 -31.67
N ASN C 133 -5.27 -8.26 -31.32
CA ASN C 133 -4.00 -7.55 -31.57
C ASN C 133 -2.85 -8.25 -30.87
N GLY C 134 -3.07 -8.63 -29.61
CA GLY C 134 -2.08 -9.39 -28.84
C GLY C 134 -1.60 -10.68 -29.49
N ALA C 135 -2.55 -11.47 -29.95
CA ALA C 135 -2.28 -12.74 -30.63
C ALA C 135 -1.48 -12.53 -31.93
N LYS C 136 -1.62 -11.37 -32.55
CA LYS C 136 -0.85 -11.01 -33.75
C LYS C 136 0.51 -10.46 -33.40
N GLY C 137 0.87 -10.42 -32.11
CA GLY C 137 2.12 -9.79 -31.69
C GLY C 137 2.06 -8.29 -31.41
N GLN C 138 0.88 -7.69 -31.43
CA GLN C 138 0.73 -6.25 -31.19
C GLN C 138 0.30 -5.97 -29.75
N GLU C 139 1.22 -5.45 -28.94
CA GLU C 139 0.90 -5.16 -27.55
C GLU C 139 -0.12 -4.02 -27.40
N CYS C 140 -1.03 -4.18 -26.47
CA CYS C 140 -2.01 -3.15 -26.22
C CYS C 140 -1.89 -2.65 -24.81
N VAL C 141 -2.47 -1.48 -24.55
CA VAL C 141 -2.42 -0.92 -23.20
C VAL C 141 -3.77 -0.31 -22.82
N ILE C 142 -4.19 -0.56 -21.58
CA ILE C 142 -5.33 0.10 -20.98
C ILE C 142 -4.75 0.96 -19.87
N LEU C 143 -4.99 2.26 -19.92
CA LEU C 143 -4.57 3.17 -18.85
C LEU C 143 -5.81 3.76 -18.21
N ASN C 144 -5.92 3.62 -16.90
CA ASN C 144 -7.08 4.14 -16.16
C ASN C 144 -6.68 5.35 -15.33
N VAL C 145 -7.47 6.42 -15.40
CA VAL C 145 -7.15 7.56 -14.58
C VAL C 145 -7.96 7.51 -13.29
N ALA C 146 -7.25 7.33 -12.17
CA ALA C 146 -7.90 7.24 -10.86
C ALA C 146 -7.67 8.54 -10.13
N SER C 147 -7.13 8.48 -8.92
CA SER C 147 -6.93 9.70 -8.12
C SER C 147 -6.15 9.39 -6.85
N THR C 148 -5.44 10.39 -6.31
CA THR C 148 -4.77 10.20 -5.01
C THR C 148 -5.77 9.95 -3.88
N GLY C 149 -7.02 10.38 -4.08
CA GLY C 149 -8.09 10.18 -3.07
C GLY C 149 -8.52 8.73 -2.91
N ALA C 150 -8.15 7.88 -3.86
CA ALA C 150 -8.51 6.45 -3.76
C ALA C 150 -7.83 5.77 -2.58
N GLY C 151 -6.54 6.04 -2.42
CA GLY C 151 -5.77 5.53 -1.29
C GLY C 151 -5.49 6.55 -0.20
N ARG C 152 -5.61 7.84 -0.51
CA ARG C 152 -5.33 8.89 0.47
C ARG C 152 -6.45 9.92 0.45
N PRO C 153 -7.65 9.54 0.93
CA PRO C 153 -8.74 10.52 0.87
C PRO C 153 -8.65 11.60 1.94
N ARG C 154 -9.18 12.78 1.61
CA ARG C 154 -9.51 13.77 2.59
C ARG C 154 -11.05 13.83 2.70
N PRO C 155 -11.58 14.35 3.83
CA PRO C 155 -13.04 14.34 4.03
C PRO C 155 -13.83 15.07 2.93
N ASN C 156 -15.07 14.61 2.75
CA ASN C 156 -16.09 15.28 1.93
C ASN C 156 -16.26 14.80 0.50
N LEU C 157 -15.45 13.84 0.09
CA LEU C 157 -15.55 13.31 -1.27
C LEU C 157 -15.62 11.79 -1.27
N ALA C 158 -16.28 11.26 -0.24
CA ALA C 158 -16.28 9.83 0.05
C ALA C 158 -16.64 8.97 -1.17
N TRP C 159 -17.76 9.30 -1.82
CA TRP C 159 -18.28 8.41 -2.84
C TRP C 159 -17.51 8.53 -4.15
N TYR C 160 -16.99 9.73 -4.44
CA TYR C 160 -16.08 9.94 -5.58
C TYR C 160 -14.79 9.13 -5.39
N ASN C 161 -14.18 9.30 -4.21
CA ASN C 161 -12.93 8.61 -3.89
C ASN C 161 -13.08 7.13 -3.95
N ALA C 162 -14.17 6.61 -3.42
CA ALA C 162 -14.40 5.18 -3.46
C ALA C 162 -14.50 4.67 -4.92
N THR C 163 -15.13 5.41 -5.85
CA THR C 163 -15.10 4.95 -7.25
C THR C 163 -13.68 4.87 -7.75
N LYS C 164 -12.82 5.75 -7.27
CA LYS C 164 -11.41 5.70 -7.67
C LYS C 164 -10.62 4.55 -7.03
N GLY C 165 -10.99 4.13 -5.83
CA GLY C 165 -10.49 2.87 -5.30
C GLY C 165 -10.82 1.66 -6.19
N TRP C 166 -12.04 1.66 -6.73
CA TRP C 166 -12.52 0.62 -7.61
C TRP C 166 -11.65 0.61 -8.86
N VAL C 167 -11.41 1.80 -9.43
CA VAL C 167 -10.54 1.91 -10.61
C VAL C 167 -9.15 1.30 -10.34
N VAL C 168 -8.52 1.69 -9.21
CA VAL C 168 -7.19 1.17 -8.87
C VAL C 168 -7.23 -0.35 -8.73
N SER C 169 -8.26 -0.86 -8.07
CA SER C 169 -8.37 -2.29 -7.85
C SER C 169 -8.60 -3.04 -9.18
N VAL C 170 -9.46 -2.52 -10.04
CA VAL C 170 -9.71 -3.16 -11.31
C VAL C 170 -8.46 -3.17 -12.24
N THR C 171 -7.61 -2.13 -12.11
CA THR C 171 -6.40 -2.02 -12.88
C THR C 171 -5.50 -3.24 -12.53
N LYS C 172 -5.42 -3.53 -11.23
CA LYS C 172 -4.67 -4.68 -10.73
C LYS C 172 -5.27 -6.02 -11.20
N ALA C 173 -6.58 -6.17 -11.05
CA ALA C 173 -7.28 -7.40 -11.45
C ALA C 173 -7.15 -7.65 -12.95
N LEU C 174 -7.34 -6.62 -13.77
CA LEU C 174 -7.27 -6.83 -15.21
C LEU C 174 -5.83 -7.06 -15.65
N ALA C 175 -4.89 -6.39 -14.99
CA ALA C 175 -3.46 -6.54 -15.33
C ALA C 175 -2.97 -7.98 -15.24
N ILE C 176 -3.31 -8.64 -14.14
CA ILE C 176 -2.86 -9.98 -13.91
C ILE C 176 -3.54 -10.94 -14.88
N GLU C 177 -4.83 -10.71 -15.19
CA GLU C 177 -5.58 -11.61 -16.05
C GLU C 177 -5.16 -11.45 -17.50
N LEU C 178 -4.88 -10.21 -17.89
CA LEU C 178 -4.69 -9.90 -19.28
C LEU C 178 -3.23 -9.92 -19.73
N ALA C 179 -2.28 -9.91 -18.79
CA ALA C 179 -0.83 -9.95 -19.12
C ALA C 179 -0.42 -10.99 -20.12
N PRO C 180 -0.84 -12.26 -19.94
CA PRO C 180 -0.43 -13.27 -20.94
C PRO C 180 -1.04 -13.07 -22.32
N ALA C 181 -2.08 -12.24 -22.41
CA ALA C 181 -2.64 -11.89 -23.71
C ALA C 181 -1.90 -10.70 -24.35
N LYS C 182 -0.84 -10.22 -23.69
CA LYS C 182 -0.01 -9.11 -24.17
C LYS C 182 -0.75 -7.76 -24.05
N ILE C 183 -1.53 -7.61 -22.99
CA ILE C 183 -2.23 -6.37 -22.70
C ILE C 183 -1.79 -5.85 -21.35
N ARG C 184 -1.14 -4.68 -21.33
CA ARG C 184 -0.84 -4.11 -20.03
C ARG C 184 -2.02 -3.27 -19.56
N VAL C 185 -2.18 -3.17 -18.24
CA VAL C 185 -3.19 -2.33 -17.61
C VAL C 185 -2.53 -1.59 -16.45
N VAL C 186 -2.54 -0.26 -16.54
CA VAL C 186 -1.83 0.57 -15.59
C VAL C 186 -2.77 1.70 -15.22
N ALA C 187 -2.44 2.40 -14.13
CA ALA C 187 -3.23 3.53 -13.65
C ALA C 187 -2.36 4.75 -13.30
N LEU C 188 -2.99 5.93 -13.41
CA LEU C 188 -2.36 7.17 -12.92
C LEU C 188 -3.21 7.77 -11.82
N ASN C 189 -2.55 8.33 -10.81
CA ASN C 189 -3.25 8.98 -9.72
C ASN C 189 -2.86 10.44 -9.68
N PRO C 190 -3.63 11.31 -10.36
CA PRO C 190 -3.51 12.74 -10.18
C PRO C 190 -4.15 13.16 -8.84
N VAL C 191 -3.84 14.37 -8.36
CA VAL C 191 -4.48 14.89 -7.15
C VAL C 191 -5.91 15.34 -7.46
N THR C 200 -13.86 20.64 -9.49
CA THR C 200 -13.10 20.09 -10.64
C THR C 200 -12.67 18.62 -10.44
N PHE C 201 -13.05 17.74 -11.37
CA PHE C 201 -12.71 16.29 -11.32
C PHE C 201 -11.96 15.74 -12.57
N MET C 202 -11.95 16.51 -13.67
CA MET C 202 -11.33 16.04 -14.93
C MET C 202 -10.11 16.88 -15.39
N GLY C 203 -9.56 17.66 -14.45
CA GLY C 203 -8.37 18.50 -14.68
C GLY C 203 -8.53 19.79 -15.48
N GLU C 204 -9.78 20.22 -15.68
CA GLU C 204 -10.05 21.40 -16.52
C GLU C 204 -9.51 22.70 -15.89
N ASP C 205 -9.11 23.66 -16.74
CA ASP C 205 -8.60 24.96 -16.26
C ASP C 205 -9.71 26.01 -16.17
N SER C 206 -9.31 27.28 -16.00
CA SER C 206 -10.19 28.45 -16.09
C SER C 206 -10.80 28.61 -17.49
N SER C 216 0.63 24.21 -0.22
CA SER C 216 -0.12 22.97 -0.02
C SER C 216 0.57 21.75 -0.65
N ILE C 217 1.01 21.88 -1.91
CA ILE C 217 1.72 20.80 -2.63
C ILE C 217 3.22 20.82 -2.25
N PRO C 218 3.76 19.67 -1.82
CA PRO C 218 5.16 19.64 -1.37
C PRO C 218 6.12 20.20 -2.43
N MET C 219 5.91 19.82 -3.69
CA MET C 219 6.72 20.33 -4.82
C MET C 219 6.53 21.83 -5.11
N GLY C 220 5.44 22.43 -4.63
CA GLY C 220 5.29 23.90 -4.67
C GLY C 220 4.61 24.53 -5.90
N ARG C 221 3.94 23.71 -6.71
CA ARG C 221 3.06 24.19 -7.78
C ARG C 221 1.97 23.18 -8.07
N LEU C 222 1.02 23.56 -8.89
CA LEU C 222 -0.15 22.71 -9.17
C LEU C 222 0.12 21.80 -10.37
N LEU C 223 -0.60 20.69 -10.43
CA LEU C 223 -0.54 19.75 -11.55
C LEU C 223 -1.16 20.36 -12.81
N LYS C 224 -0.46 20.25 -13.93
CA LYS C 224 -0.97 20.70 -15.22
C LYS C 224 -1.28 19.48 -16.09
N PRO C 225 -2.23 19.62 -17.04
CA PRO C 225 -2.52 18.48 -17.90
C PRO C 225 -1.30 17.90 -18.60
N ASP C 226 -0.33 18.73 -18.96
CA ASP C 226 0.86 18.25 -19.68
CA ASP C 226 0.84 18.21 -19.68
C ASP C 226 1.77 17.36 -18.79
N ASP C 227 1.78 17.62 -17.48
CA ASP C 227 2.54 16.76 -16.56
C ASP C 227 1.96 15.34 -16.58
N LEU C 228 0.64 15.29 -16.44
CA LEU C 228 -0.06 14.05 -16.43
C LEU C 228 0.09 13.37 -17.78
N ALA C 229 -0.09 14.12 -18.87
CA ALA C 229 0.07 13.56 -20.22
C ALA C 229 1.42 12.88 -20.50
N GLU C 230 2.51 13.47 -19.99
CA GLU C 230 3.86 12.90 -20.13
C GLU C 230 3.98 11.53 -19.46
N ALA C 231 3.44 11.40 -18.25
CA ALA C 231 3.44 10.14 -17.52
C ALA C 231 2.62 9.09 -18.30
N ALA C 232 1.46 9.52 -18.80
CA ALA C 232 0.58 8.66 -19.60
C ALA C 232 1.28 8.20 -20.88
N ALA C 233 1.94 9.14 -21.58
CA ALA C 233 2.71 8.82 -22.80
C ALA C 233 3.82 7.80 -22.53
N PHE C 234 4.55 7.98 -21.41
CA PHE C 234 5.54 6.97 -21.00
C PHE C 234 4.87 5.61 -20.70
N LEU C 235 3.86 5.60 -19.85
CA LEU C 235 3.20 4.33 -19.51
C LEU C 235 2.59 3.59 -20.70
N CYS C 236 2.12 4.32 -21.71
CA CYS C 236 1.52 3.67 -22.91
C CYS C 236 2.52 3.33 -24.05
N SER C 237 3.81 3.57 -23.82
CA SER C 237 4.83 3.32 -24.83
C SER C 237 5.57 2.00 -24.60
N PRO C 238 6.36 1.56 -25.62
CA PRO C 238 7.22 0.37 -25.51
C PRO C 238 8.37 0.51 -24.48
N GLN C 239 8.69 1.74 -24.10
CA GLN C 239 9.64 2.02 -23.03
C GLN C 239 9.12 1.57 -21.65
N ALA C 240 7.83 1.22 -21.60
CA ALA C 240 7.21 0.74 -20.38
C ALA C 240 6.70 -0.69 -20.53
N SER C 241 7.28 -1.42 -21.49
CA SER C 241 6.72 -2.76 -21.85
C SER C 241 6.71 -3.80 -20.71
N MET C 242 7.47 -3.58 -19.66
CA MET C 242 7.48 -4.50 -18.53
C MET C 242 6.75 -3.93 -17.28
N ILE C 243 6.00 -2.84 -17.48
CA ILE C 243 5.25 -2.17 -16.42
C ILE C 243 3.74 -2.44 -16.57
N THR C 244 3.21 -3.19 -15.61
CA THR C 244 1.79 -3.48 -15.60
C THR C 244 1.30 -3.73 -14.18
N GLY C 245 0.07 -3.29 -13.93
CA GLY C 245 -0.55 -3.51 -12.63
C GLY C 245 -0.32 -2.37 -11.66
N VAL C 246 0.38 -1.33 -12.08
CA VAL C 246 0.80 -0.24 -11.18
C VAL C 246 -0.22 0.89 -11.14
N ALA C 247 -0.18 1.65 -10.06
CA ALA C 247 -0.92 2.86 -9.91
C ALA C 247 0.10 3.95 -9.57
N LEU C 248 0.46 4.75 -10.55
CA LEU C 248 1.52 5.72 -10.37
C LEU C 248 0.96 7.09 -9.94
N ASP C 249 1.42 7.59 -8.79
CA ASP C 249 0.98 8.88 -8.26
C ASP C 249 1.72 10.02 -8.94
N VAL C 250 0.98 11.04 -9.40
CA VAL C 250 1.59 12.22 -10.04
C VAL C 250 0.99 13.42 -9.33
N ASP C 251 1.56 13.82 -8.20
CA ASP C 251 0.83 14.66 -7.24
C ASP C 251 1.73 15.64 -6.52
N GLY C 252 2.96 15.77 -7.01
CA GLY C 252 3.94 16.64 -6.39
C GLY C 252 4.27 16.28 -4.95
N GLY C 253 4.02 15.02 -4.58
CA GLY C 253 4.29 14.54 -3.23
C GLY C 253 3.12 14.65 -2.27
N ARG C 254 1.97 15.10 -2.77
CA ARG C 254 0.74 15.23 -1.97
C ARG C 254 0.38 13.97 -1.16
N SER C 255 0.50 12.79 -1.77
CA SER C 255 0.06 11.54 -1.13
C SER C 255 1.01 10.95 -0.07
N ILE C 256 2.30 11.31 -0.13
CA ILE C 256 3.29 10.77 0.80
C ILE C 256 2.73 10.73 2.24
N MET D 5 -15.56 -4.45 29.89
CA MET D 5 -16.68 -4.45 28.87
C MET D 5 -16.19 -4.48 27.41
N SER D 6 -16.77 -5.37 26.61
CA SER D 6 -16.50 -5.43 25.18
C SER D 6 -17.75 -5.11 24.36
N LEU D 7 -18.49 -6.13 23.94
CA LEU D 7 -19.72 -5.90 23.19
C LEU D 7 -21.05 -5.83 23.99
N GLU D 8 -20.99 -5.97 25.31
CA GLU D 8 -22.23 -5.94 26.12
C GLU D 8 -22.92 -4.60 25.96
N GLY D 9 -24.23 -4.64 25.72
CA GLY D 9 -25.02 -3.45 25.56
C GLY D 9 -25.09 -2.91 24.12
N LYS D 10 -24.27 -3.45 23.23
CA LYS D 10 -24.22 -2.97 21.84
C LYS D 10 -25.28 -3.64 20.95
N VAL D 11 -25.72 -2.91 19.93
CA VAL D 11 -26.64 -3.40 18.92
C VAL D 11 -25.89 -3.36 17.60
N ALA D 12 -25.84 -4.51 16.92
CA ALA D 12 -25.15 -4.63 15.64
C ALA D 12 -26.13 -5.00 14.55
N LEU D 13 -26.10 -4.25 13.45
CA LEU D 13 -26.87 -4.60 12.28
C LEU D 13 -25.88 -5.20 11.32
N ILE D 14 -26.15 -6.40 10.86
CA ILE D 14 -25.21 -7.14 10.01
C ILE D 14 -25.90 -7.60 8.74
N THR D 15 -25.41 -7.19 7.56
CA THR D 15 -26.02 -7.60 6.30
C THR D 15 -25.43 -8.94 5.83
N GLY D 16 -26.16 -9.64 4.97
CA GLY D 16 -25.80 -11.00 4.55
C GLY D 16 -25.64 -11.91 5.76
N ALA D 17 -26.43 -11.67 6.80
CA ALA D 17 -26.30 -12.39 8.08
C ALA D 17 -27.01 -13.77 8.11
N GLY D 18 -27.57 -14.18 6.98
CA GLY D 18 -28.35 -15.43 6.91
C GLY D 18 -27.51 -16.67 6.65
N SER D 19 -26.18 -16.52 6.55
CA SER D 19 -25.25 -17.62 6.23
C SER D 19 -23.78 -17.15 6.29
N GLY D 20 -22.88 -18.12 6.19
CA GLY D 20 -21.45 -17.83 6.01
C GLY D 20 -20.81 -16.91 7.05
N PHE D 21 -19.98 -16.00 6.59
CA PHE D 21 -19.28 -15.07 7.46
C PHE D 21 -20.25 -14.20 8.27
N GLY D 22 -21.32 -13.73 7.62
CA GLY D 22 -22.28 -12.87 8.29
C GLY D 22 -22.96 -13.56 9.47
N GLU D 23 -23.33 -14.81 9.28
CA GLU D 23 -23.92 -15.59 10.34
C GLU D 23 -22.91 -15.80 11.48
N GLY D 24 -21.66 -16.14 11.12
CA GLY D 24 -20.60 -16.35 12.12
C GLY D 24 -20.46 -15.13 13.02
N MET D 25 -20.41 -13.95 12.41
CA MET D 25 -20.29 -12.70 13.17
C MET D 25 -21.51 -12.46 14.07
N ALA D 26 -22.70 -12.63 13.52
CA ALA D 26 -23.88 -12.39 14.31
C ALA D 26 -23.85 -13.28 15.56
N LYS D 27 -23.51 -14.56 15.39
CA LYS D 27 -23.48 -15.47 16.55
C LYS D 27 -22.38 -15.11 17.54
N ARG D 28 -21.22 -14.71 17.03
CA ARG D 28 -20.11 -14.30 17.90
C ARG D 28 -20.41 -13.02 18.67
N PHE D 29 -21.00 -12.04 17.98
CA PHE D 29 -21.39 -10.77 18.61
C PHE D 29 -22.46 -11.06 19.69
N ALA D 30 -23.46 -11.88 19.36
CA ALA D 30 -24.51 -12.20 20.36
C ALA D 30 -23.93 -12.86 21.60
N LYS D 31 -22.99 -13.77 21.40
CA LYS D 31 -22.29 -14.41 22.52
C LYS D 31 -21.54 -13.41 23.36
N GLY D 32 -21.05 -12.33 22.72
CA GLY D 32 -20.41 -11.26 23.45
C GLY D 32 -21.37 -10.32 24.20
N GLY D 33 -22.67 -10.57 24.12
CA GLY D 33 -23.66 -9.73 24.83
C GLY D 33 -24.33 -8.63 24.02
N ALA D 34 -24.07 -8.65 22.72
CA ALA D 34 -24.67 -7.74 21.77
C ALA D 34 -26.04 -8.21 21.31
N LYS D 35 -26.91 -7.25 20.98
CA LYS D 35 -28.13 -7.50 20.22
C LYS D 35 -27.70 -7.47 18.75
N VAL D 36 -28.37 -8.26 17.91
CA VAL D 36 -27.97 -8.37 16.50
C VAL D 36 -29.21 -8.33 15.60
N VAL D 37 -29.12 -7.52 14.55
CA VAL D 37 -30.16 -7.44 13.55
C VAL D 37 -29.68 -8.21 12.32
N ILE D 38 -30.39 -9.29 12.01
CA ILE D 38 -29.99 -10.24 10.98
C ILE D 38 -30.63 -9.83 9.66
N VAL D 39 -29.85 -9.18 8.80
CA VAL D 39 -30.37 -8.66 7.53
C VAL D 39 -29.88 -9.52 6.37
N ASP D 40 -30.81 -10.00 5.54
CA ASP D 40 -30.48 -10.82 4.39
C ASP D 40 -31.60 -10.76 3.39
N ARG D 41 -31.27 -10.81 2.09
CA ARG D 41 -32.27 -10.99 1.02
C ARG D 41 -33.05 -12.30 1.21
N ASP D 42 -32.39 -13.29 1.79
CA ASP D 42 -32.99 -14.59 2.02
C ASP D 42 -33.80 -14.55 3.34
N LYS D 43 -35.11 -14.36 3.22
CA LYS D 43 -35.98 -14.30 4.41
C LYS D 43 -35.81 -15.54 5.30
N ALA D 44 -35.85 -16.73 4.70
CA ALA D 44 -35.76 -17.98 5.47
C ALA D 44 -34.39 -18.08 6.19
N GLY D 45 -33.34 -17.56 5.55
CA GLY D 45 -31.98 -17.54 6.13
C GLY D 45 -31.88 -16.63 7.34
N ALA D 46 -32.40 -15.41 7.21
CA ALA D 46 -32.45 -14.45 8.28
C ALA D 46 -33.24 -15.01 9.47
N GLU D 47 -34.40 -15.59 9.20
CA GLU D 47 -35.23 -16.18 10.28
C GLU D 47 -34.56 -17.38 10.96
N ARG D 48 -33.85 -18.20 10.17
CA ARG D 48 -33.15 -19.36 10.72
C ARG D 48 -32.05 -18.86 11.66
N VAL D 49 -31.24 -17.93 11.18
CA VAL D 49 -30.13 -17.45 12.01
C VAL D 49 -30.65 -16.78 13.28
N ALA D 50 -31.63 -15.90 13.13
CA ALA D 50 -32.27 -15.24 14.28
C ALA D 50 -32.82 -16.28 15.27
N GLY D 51 -33.44 -17.34 14.81
CA GLY D 51 -33.95 -18.38 15.73
C GLY D 51 -32.83 -19.21 16.38
N GLU D 52 -31.76 -19.43 15.64
CA GLU D 52 -30.58 -20.08 16.24
C GLU D 52 -29.94 -19.23 17.34
N ILE D 53 -30.15 -17.92 17.31
CA ILE D 53 -29.51 -17.04 18.31
C ILE D 53 -30.47 -16.79 19.47
N GLY D 54 -31.74 -16.55 19.15
CA GLY D 54 -32.78 -16.37 20.15
C GLY D 54 -33.16 -14.90 20.34
N ASP D 55 -33.59 -14.57 21.55
CA ASP D 55 -34.23 -13.29 21.89
C ASP D 55 -33.45 -12.02 21.55
N ALA D 56 -32.13 -12.15 21.43
CA ALA D 56 -31.23 -11.06 21.16
C ALA D 56 -31.09 -10.79 19.65
N ALA D 57 -31.66 -11.65 18.83
CA ALA D 57 -31.57 -11.48 17.37
C ALA D 57 -32.92 -11.08 16.78
N LEU D 58 -32.91 -10.20 15.78
CA LEU D 58 -34.13 -9.85 15.05
C LEU D 58 -33.90 -10.14 13.58
N ALA D 59 -34.82 -10.85 12.95
CA ALA D 59 -34.69 -11.14 11.52
C ALA D 59 -35.28 -10.01 10.70
N VAL D 60 -34.58 -9.58 9.64
CA VAL D 60 -35.09 -8.58 8.71
C VAL D 60 -34.72 -8.99 7.26
N ALA D 61 -35.74 -9.32 6.47
CA ALA D 61 -35.55 -9.67 5.09
C ALA D 61 -35.41 -8.36 4.32
N ALA D 62 -34.36 -8.22 3.51
CA ALA D 62 -34.15 -6.96 2.80
C ALA D 62 -33.22 -7.12 1.62
N ASP D 63 -33.51 -6.37 0.57
CA ASP D 63 -32.60 -6.34 -0.57
C ASP D 63 -31.91 -5.01 -0.43
N ILE D 64 -30.69 -5.00 0.10
CA ILE D 64 -30.02 -3.73 0.40
C ILE D 64 -29.65 -2.89 -0.82
N SER D 65 -29.81 -3.44 -2.03
CA SER D 65 -29.64 -2.66 -3.25
C SER D 65 -30.83 -1.72 -3.42
N LYS D 66 -31.90 -1.91 -2.65
CA LYS D 66 -33.12 -1.11 -2.81
C LYS D 66 -33.26 -0.18 -1.64
N GLU D 67 -33.38 1.11 -1.92
CA GLU D 67 -33.42 2.13 -0.88
C GLU D 67 -34.52 1.90 0.17
N ALA D 68 -35.72 1.55 -0.29
CA ALA D 68 -36.87 1.36 0.62
C ALA D 68 -36.69 0.13 1.53
N ASP D 69 -35.96 -0.87 1.07
CA ASP D 69 -35.71 -2.05 1.92
C ASP D 69 -34.69 -1.71 3.01
N VAL D 70 -33.73 -0.86 2.67
CA VAL D 70 -32.73 -0.38 3.65
C VAL D 70 -33.42 0.44 4.74
N ASP D 71 -34.29 1.36 4.31
CA ASP D 71 -35.03 2.22 5.23
C ASP D 71 -35.84 1.36 6.19
N ALA D 72 -36.56 0.37 5.66
CA ALA D 72 -37.38 -0.52 6.50
C ALA D 72 -36.53 -1.30 7.48
N ALA D 73 -35.36 -1.77 7.01
CA ALA D 73 -34.39 -2.46 7.86
C ALA D 73 -33.88 -1.57 9.01
N VAL D 74 -33.43 -0.37 8.69
CA VAL D 74 -33.03 0.60 9.73
C VAL D 74 -34.19 0.86 10.70
N GLU D 75 -35.40 1.11 10.15
CA GLU D 75 -36.58 1.40 10.97
C GLU D 75 -36.94 0.22 11.90
N ALA D 76 -36.82 -1.02 11.42
CA ALA D 76 -37.13 -2.19 12.23
C ALA D 76 -36.07 -2.39 13.34
N ALA D 77 -34.79 -2.20 13.01
CA ALA D 77 -33.71 -2.25 14.01
C ALA D 77 -34.03 -1.28 15.18
N LEU D 78 -34.31 -0.02 14.85
CA LEU D 78 -34.54 1.02 15.85
C LEU D 78 -35.84 0.81 16.64
N SER D 79 -36.85 0.26 15.98
CA SER D 79 -38.12 -0.04 16.60
C SER D 79 -37.96 -1.10 17.63
N LYS D 80 -37.09 -2.06 17.32
CA LYS D 80 -36.87 -3.19 18.21
C LYS D 80 -35.87 -2.87 19.33
N PHE D 81 -34.68 -2.41 18.96
CA PHE D 81 -33.61 -2.26 19.96
C PHE D 81 -33.34 -0.85 20.48
N GLY D 82 -34.04 0.15 19.93
CA GLY D 82 -33.90 1.53 20.40
C GLY D 82 -32.73 2.32 19.82
N LYS D 83 -31.69 1.62 19.39
CA LYS D 83 -30.45 2.24 18.89
C LYS D 83 -29.68 1.21 18.05
N VAL D 84 -28.76 1.66 17.21
CA VAL D 84 -27.78 0.76 16.57
C VAL D 84 -26.40 1.35 16.85
N ASP D 85 -25.45 0.52 17.26
CA ASP D 85 -24.08 1.01 17.59
C ASP D 85 -23.03 0.53 16.59
N ILE D 86 -23.35 -0.55 15.88
CA ILE D 86 -22.40 -1.22 14.99
C ILE D 86 -23.09 -1.59 13.67
N LEU D 87 -22.46 -1.29 12.54
CA LEU D 87 -22.93 -1.73 11.24
C LEU D 87 -21.86 -2.60 10.62
N VAL D 88 -22.24 -3.80 10.20
CA VAL D 88 -21.33 -4.68 9.49
C VAL D 88 -21.87 -4.85 8.08
N ASN D 89 -21.17 -4.25 7.12
CA ASN D 89 -21.51 -4.40 5.71
C ASN D 89 -20.81 -5.65 5.26
N ASN D 90 -21.58 -6.73 5.25
CA ASN D 90 -21.02 -8.03 4.95
C ASN D 90 -21.64 -8.60 3.68
N ALA D 91 -22.83 -8.17 3.32
CA ALA D 91 -23.51 -8.75 2.17
C ALA D 91 -22.70 -8.56 0.88
N GLY D 92 -22.58 -9.61 0.08
CA GLY D 92 -21.82 -9.56 -1.16
C GLY D 92 -22.20 -10.67 -2.12
N ILE D 93 -22.23 -10.35 -3.43
CA ILE D 93 -22.38 -11.35 -4.49
C ILE D 93 -21.28 -11.18 -5.51
N GLY D 94 -20.92 -12.27 -6.19
CA GLY D 94 -19.79 -12.27 -7.11
C GLY D 94 -20.25 -12.82 -8.42
N HIS D 95 -19.30 -13.14 -9.30
CA HIS D 95 -19.62 -13.92 -10.50
C HIS D 95 -18.83 -15.21 -10.50
N LYS D 96 -19.35 -16.23 -11.21
CA LYS D 96 -18.56 -17.41 -11.49
C LYS D 96 -17.22 -16.89 -12.05
N PRO D 97 -16.10 -17.41 -11.53
CA PRO D 97 -14.85 -17.05 -12.19
C PRO D 97 -15.02 -17.12 -13.73
N GLN D 98 -14.49 -16.14 -14.45
CA GLN D 98 -14.54 -16.18 -15.93
C GLN D 98 -13.76 -15.02 -16.48
N ASN D 99 -13.33 -15.16 -17.73
CA ASN D 99 -12.71 -14.07 -18.47
C ASN D 99 -13.55 -12.81 -18.25
N ALA D 100 -12.88 -11.71 -17.89
CA ALA D 100 -13.56 -10.48 -17.51
C ALA D 100 -14.63 -10.00 -18.52
N GLU D 101 -14.29 -10.09 -19.81
CA GLU D 101 -15.14 -9.55 -20.88
C GLU D 101 -16.42 -10.35 -21.11
N LEU D 102 -16.52 -11.52 -20.47
CA LEU D 102 -17.70 -12.41 -20.58
C LEU D 102 -18.77 -12.13 -19.55
N VAL D 103 -18.46 -11.31 -18.55
CA VAL D 103 -19.49 -10.86 -17.60
C VAL D 103 -20.30 -9.74 -18.22
N GLU D 104 -21.61 -9.97 -18.30
CA GLU D 104 -22.49 -9.12 -19.07
C GLU D 104 -23.11 -8.03 -18.21
N PRO D 105 -23.58 -6.93 -18.85
CA PRO D 105 -23.93 -5.75 -18.07
C PRO D 105 -24.97 -6.02 -16.97
N GLU D 106 -25.96 -6.85 -17.28
CA GLU D 106 -27.02 -7.18 -16.33
C GLU D 106 -26.43 -7.77 -15.02
N GLU D 107 -25.49 -8.71 -15.15
CA GLU D 107 -24.87 -9.37 -14.01
C GLU D 107 -23.93 -8.39 -13.28
N PHE D 108 -23.11 -7.67 -14.07
CA PHE D 108 -22.27 -6.63 -13.55
C PHE D 108 -23.04 -5.64 -12.68
N ASP D 109 -24.16 -5.14 -13.20
CA ASP D 109 -25.00 -4.17 -12.52
C ASP D 109 -25.57 -4.75 -11.23
N ARG D 110 -25.97 -6.02 -11.24
CA ARG D 110 -26.37 -6.70 -10.02
C ARG D 110 -25.26 -6.78 -8.95
N ILE D 111 -24.03 -7.12 -9.36
CA ILE D 111 -22.91 -7.19 -8.41
C ILE D 111 -22.68 -5.83 -7.79
N VAL D 112 -22.69 -4.78 -8.61
CA VAL D 112 -22.51 -3.40 -8.12
C VAL D 112 -23.64 -2.97 -7.17
N GLY D 113 -24.86 -3.39 -7.47
CA GLY D 113 -26.03 -2.96 -6.72
C GLY D 113 -25.97 -3.48 -5.29
N VAL D 114 -25.46 -4.69 -5.09
CA VAL D 114 -25.32 -5.20 -3.72
C VAL D 114 -24.03 -4.68 -3.08
N ASN D 115 -22.90 -4.83 -3.77
CA ASN D 115 -21.58 -4.71 -3.16
C ASN D 115 -21.17 -3.26 -2.98
N VAL D 116 -21.76 -2.40 -3.79
CA VAL D 116 -21.39 -0.99 -3.81
C VAL D 116 -22.56 -0.12 -3.35
N ARG D 117 -23.68 -0.14 -4.09
CA ARG D 117 -24.85 0.66 -3.71
C ARG D 117 -25.39 0.25 -2.33
N GLY D 118 -25.38 -1.05 -2.05
CA GLY D 118 -25.93 -1.58 -0.79
C GLY D 118 -25.14 -1.03 0.38
N VAL D 119 -23.82 -0.95 0.21
CA VAL D 119 -22.96 -0.36 1.24
C VAL D 119 -23.25 1.13 1.41
N TYR D 120 -23.31 1.83 0.29
CA TYR D 120 -23.63 3.24 0.28
C TYR D 120 -24.97 3.50 0.98
N LEU D 121 -26.00 2.72 0.65
CA LEU D 121 -27.35 2.94 1.20
C LEU D 121 -27.44 2.63 2.71
N MET D 122 -27.01 1.44 3.10
CA MET D 122 -27.01 1.06 4.51
C MET D 122 -26.14 1.97 5.41
N THR D 123 -24.98 2.37 4.91
CA THR D 123 -24.11 3.27 5.63
C THR D 123 -24.67 4.70 5.67
N SER D 124 -25.10 5.25 4.54
CA SER D 124 -25.55 6.63 4.56
C SER D 124 -26.84 6.78 5.38
N LYS D 125 -27.66 5.73 5.43
CA LYS D 125 -28.87 5.73 6.22
C LYS D 125 -28.65 5.64 7.74
N LEU D 126 -27.54 5.04 8.17
CA LEU D 126 -27.24 4.94 9.59
C LEU D 126 -26.35 6.05 10.14
N ILE D 127 -25.68 6.76 9.25
CA ILE D 127 -24.76 7.81 9.69
C ILE D 127 -25.42 8.88 10.59
N PRO D 128 -26.57 9.46 10.17
CA PRO D 128 -27.10 10.46 11.11
C PRO D 128 -27.33 9.91 12.54
N HIS D 129 -27.83 8.68 12.64
CA HIS D 129 -28.03 8.05 13.94
C HIS D 129 -26.68 7.86 14.65
N PHE D 130 -25.68 7.39 13.90
CA PHE D 130 -24.34 7.18 14.45
C PHE D 130 -23.75 8.51 14.95
N LYS D 131 -24.00 9.62 14.24
CA LYS D 131 -23.45 10.92 14.70
C LYS D 131 -24.10 11.37 16.01
N GLU D 132 -25.41 11.18 16.12
CA GLU D 132 -26.14 11.49 17.34
C GLU D 132 -25.58 10.71 18.54
N ASN D 133 -25.50 9.38 18.41
CA ASN D 133 -24.91 8.55 19.47
C ASN D 133 -23.50 9.01 19.88
N GLY D 134 -22.67 9.31 18.88
CA GLY D 134 -21.27 9.66 19.09
C GLY D 134 -21.17 10.97 19.86
N ALA D 135 -22.04 11.91 19.51
CA ALA D 135 -22.16 13.19 20.20
C ALA D 135 -22.60 13.04 21.65
N LYS D 136 -23.33 11.96 21.96
CA LYS D 136 -23.75 11.68 23.33
C LYS D 136 -22.74 10.80 24.09
N GLY D 137 -21.56 10.56 23.49
CA GLY D 137 -20.52 9.74 24.12
C GLY D 137 -20.55 8.26 23.78
N GLN D 138 -21.47 7.84 22.90
CA GLN D 138 -21.59 6.42 22.54
C GLN D 138 -20.95 6.17 21.17
N GLU D 139 -19.69 5.79 21.18
CA GLU D 139 -18.91 5.63 19.96
C GLU D 139 -19.50 4.49 19.11
N CYS D 140 -19.56 4.70 17.80
CA CYS D 140 -20.11 3.72 16.86
C CYS D 140 -19.05 3.18 15.91
N VAL D 141 -19.31 1.98 15.38
CA VAL D 141 -18.38 1.39 14.43
C VAL D 141 -19.07 0.91 13.15
N ILE D 142 -18.49 1.29 12.02
CA ILE D 142 -18.80 0.67 10.73
C ILE D 142 -17.70 -0.33 10.33
N LEU D 143 -18.07 -1.60 10.21
CA LEU D 143 -17.16 -2.66 9.74
C LEU D 143 -17.55 -3.15 8.33
N ASN D 144 -16.61 -3.03 7.40
CA ASN D 144 -16.83 -3.44 6.02
C ASN D 144 -16.05 -4.70 5.73
N VAL D 145 -16.73 -5.68 5.15
CA VAL D 145 -16.07 -6.91 4.77
C VAL D 145 -15.76 -6.87 3.28
N ALA D 146 -14.48 -6.92 2.99
CA ALA D 146 -14.01 -6.80 1.64
C ALA D 146 -13.47 -8.16 1.26
N SER D 147 -12.20 -8.21 0.87
CA SER D 147 -11.56 -9.44 0.38
C SER D 147 -10.08 -9.18 0.12
N THR D 148 -9.25 -10.21 0.21
CA THR D 148 -7.83 -10.11 -0.15
C THR D 148 -7.73 -9.90 -1.66
N GLY D 149 -8.85 -10.17 -2.35
CA GLY D 149 -8.94 -9.94 -3.80
C GLY D 149 -8.87 -8.49 -4.19
N ALA D 150 -9.21 -7.59 -3.28
CA ALA D 150 -9.21 -6.16 -3.55
C ALA D 150 -7.82 -5.66 -3.91
N GLY D 151 -6.82 -5.99 -3.10
CA GLY D 151 -5.44 -5.60 -3.37
C GLY D 151 -4.53 -6.69 -3.90
N ARG D 152 -4.97 -7.94 -3.85
CA ARG D 152 -4.14 -9.05 -4.33
C ARG D 152 -5.00 -10.01 -5.20
N PRO D 153 -5.45 -9.51 -6.37
CA PRO D 153 -6.31 -10.33 -7.21
C PRO D 153 -5.57 -11.45 -7.92
N ARG D 154 -6.31 -12.49 -8.25
CA ARG D 154 -5.85 -13.54 -9.14
C ARG D 154 -6.80 -13.46 -10.31
N PRO D 155 -6.43 -14.05 -11.46
CA PRO D 155 -7.32 -13.91 -12.62
C PRO D 155 -8.75 -14.39 -12.40
N ASN D 156 -9.69 -13.81 -13.14
CA ASN D 156 -11.04 -14.33 -13.39
C ASN D 156 -12.14 -13.89 -12.42
N LEU D 157 -11.81 -12.95 -11.53
CA LEU D 157 -12.81 -12.29 -10.68
C LEU D 157 -12.70 -10.76 -10.73
N ALA D 158 -12.33 -10.24 -11.88
CA ALA D 158 -12.07 -8.81 -12.02
C ALA D 158 -13.16 -7.89 -11.47
N TRP D 159 -14.41 -8.10 -11.83
CA TRP D 159 -15.39 -7.09 -11.42
C TRP D 159 -15.79 -7.28 -9.97
N TYR D 160 -15.76 -8.53 -9.49
CA TYR D 160 -15.99 -8.80 -8.08
C TYR D 160 -14.90 -8.15 -7.21
N ASN D 161 -13.63 -8.36 -7.59
CA ASN D 161 -12.49 -7.85 -6.82
C ASN D 161 -12.50 -6.33 -6.79
N ALA D 162 -12.88 -5.73 -7.91
CA ALA D 162 -12.94 -4.27 -7.98
C ALA D 162 -13.99 -3.66 -7.03
N THR D 163 -15.16 -4.29 -6.91
CA THR D 163 -16.14 -3.80 -5.93
C THR D 163 -15.50 -3.89 -4.53
N LYS D 164 -14.73 -4.94 -4.25
CA LYS D 164 -14.00 -5.01 -2.97
C LYS D 164 -12.92 -3.93 -2.81
N GLY D 165 -12.24 -3.54 -3.90
CA GLY D 165 -11.38 -2.35 -3.89
C GLY D 165 -12.15 -1.09 -3.50
N TRP D 166 -13.37 -0.93 -4.06
CA TRP D 166 -14.32 0.14 -3.70
C TRP D 166 -14.60 0.14 -2.18
N VAL D 167 -14.81 -1.04 -1.60
CA VAL D 167 -15.08 -1.18 -0.17
C VAL D 167 -13.88 -0.75 0.69
N VAL D 168 -12.68 -1.20 0.36
CA VAL D 168 -11.48 -0.80 1.10
C VAL D 168 -11.32 0.73 1.01
N SER D 169 -11.56 1.28 -0.17
CA SER D 169 -11.33 2.69 -0.37
C SER D 169 -12.34 3.56 0.41
N VAL D 170 -13.61 3.16 0.41
CA VAL D 170 -14.67 3.91 1.11
C VAL D 170 -14.47 3.81 2.63
N THR D 171 -13.84 2.74 3.08
CA THR D 171 -13.50 2.55 4.51
C THR D 171 -12.57 3.65 4.92
N LYS D 172 -11.51 3.82 4.14
CA LYS D 172 -10.56 4.92 4.35
C LYS D 172 -11.23 6.31 4.29
N ALA D 173 -12.06 6.56 3.27
CA ALA D 173 -12.67 7.88 3.10
C ALA D 173 -13.67 8.19 4.19
N LEU D 174 -14.51 7.22 4.51
CA LEU D 174 -15.46 7.41 5.60
C LEU D 174 -14.75 7.54 6.93
N ALA D 175 -13.66 6.80 7.15
CA ALA D 175 -12.98 6.85 8.46
C ALA D 175 -12.45 8.27 8.76
N ILE D 176 -11.77 8.87 7.79
CA ILE D 176 -11.13 10.16 8.01
C ILE D 176 -12.20 11.23 8.24
N GLU D 177 -13.31 11.13 7.50
CA GLU D 177 -14.40 12.07 7.61
C GLU D 177 -15.21 11.88 8.91
N LEU D 178 -15.46 10.63 9.31
CA LEU D 178 -16.31 10.40 10.48
C LEU D 178 -15.55 10.34 11.81
N ALA D 179 -14.23 10.20 11.77
CA ALA D 179 -13.46 10.15 13.03
C ALA D 179 -13.82 11.27 14.04
N PRO D 180 -13.89 12.53 13.58
CA PRO D 180 -14.27 13.59 14.55
C PRO D 180 -15.67 13.41 15.14
N ALA D 181 -16.55 12.73 14.41
CA ALA D 181 -17.89 12.42 14.94
C ALA D 181 -17.90 11.19 15.89
N LYS D 182 -16.72 10.64 16.16
CA LYS D 182 -16.56 9.47 17.04
C LYS D 182 -17.20 8.20 16.45
N ILE D 183 -17.06 8.06 15.14
CA ILE D 183 -17.48 6.86 14.44
C ILE D 183 -16.24 6.26 13.79
N ARG D 184 -15.91 5.03 14.15
CA ARG D 184 -14.78 4.36 13.51
C ARG D 184 -15.27 3.62 12.29
N VAL D 185 -14.41 3.53 11.27
CA VAL D 185 -14.71 2.78 10.06
C VAL D 185 -13.51 1.90 9.69
N VAL D 186 -13.74 0.58 9.68
CA VAL D 186 -12.68 -0.43 9.50
C VAL D 186 -13.12 -1.53 8.54
N ALA D 187 -12.14 -2.27 8.05
CA ALA D 187 -12.41 -3.27 7.04
C ALA D 187 -11.69 -4.56 7.42
N LEU D 188 -12.27 -5.69 7.02
CA LEU D 188 -11.61 -7.00 7.08
C LEU D 188 -11.47 -7.52 5.66
N ASN D 189 -10.35 -8.14 5.36
CA ASN D 189 -10.14 -8.82 4.08
C ASN D 189 -9.98 -10.33 4.32
N PRO D 190 -11.06 -11.11 4.24
CA PRO D 190 -10.86 -12.56 4.34
C PRO D 190 -10.27 -13.08 3.04
N VAL D 191 -9.55 -14.20 3.12
CA VAL D 191 -8.90 -14.78 1.94
C VAL D 191 -9.94 -15.11 0.87
N ILE D 217 -2.27 -21.39 0.99
CA ILE D 217 -2.45 -20.81 2.33
C ILE D 217 -1.31 -21.20 3.28
N PRO D 218 -0.34 -20.28 3.45
CA PRO D 218 0.89 -20.56 4.20
C PRO D 218 0.68 -21.17 5.60
N MET D 219 -0.26 -20.62 6.39
CA MET D 219 -0.59 -21.16 7.73
C MET D 219 -1.10 -22.61 7.69
N GLY D 220 -1.30 -23.13 6.47
CA GLY D 220 -1.58 -24.56 6.27
C GLY D 220 -2.96 -25.04 6.69
N ARG D 221 -3.95 -24.15 6.69
CA ARG D 221 -5.34 -24.54 6.98
C ARG D 221 -6.36 -23.50 6.46
N LEU D 222 -7.63 -23.88 6.36
CA LEU D 222 -8.63 -22.95 5.77
C LEU D 222 -9.11 -21.88 6.77
N LEU D 223 -9.64 -20.76 6.25
CA LEU D 223 -10.30 -19.77 7.09
C LEU D 223 -11.73 -20.20 7.38
N LYS D 224 -12.14 -20.10 8.64
CA LYS D 224 -13.50 -20.43 9.03
C LYS D 224 -14.22 -19.17 9.48
N PRO D 225 -15.57 -19.20 9.47
CA PRO D 225 -16.31 -18.01 9.94
C PRO D 225 -15.95 -17.60 11.37
N ASP D 226 -15.73 -18.59 12.24
CA ASP D 226 -15.10 -18.41 13.56
C ASP D 226 -13.92 -17.42 13.58
N ASP D 227 -12.98 -17.66 12.70
CA ASP D 227 -11.74 -16.90 12.67
C ASP D 227 -12.01 -15.42 12.37
N LEU D 228 -12.75 -15.18 11.29
CA LEU D 228 -13.06 -13.82 10.89
C LEU D 228 -13.96 -13.12 11.92
N ALA D 229 -14.89 -13.86 12.52
CA ALA D 229 -15.73 -13.30 13.59
C ALA D 229 -14.95 -12.77 14.79
N GLU D 230 -13.90 -13.49 15.20
CA GLU D 230 -13.01 -13.03 16.29
C GLU D 230 -12.38 -11.67 16.00
N ALA D 231 -11.87 -11.50 14.78
CA ALA D 231 -11.27 -10.23 14.36
C ALA D 231 -12.32 -9.14 14.28
N ALA D 232 -13.54 -9.50 13.84
CA ALA D 232 -14.61 -8.52 13.75
C ALA D 232 -15.02 -8.07 15.16
N ALA D 233 -15.10 -9.02 16.10
CA ALA D 233 -15.45 -8.73 17.49
C ALA D 233 -14.40 -7.82 18.15
N PHE D 234 -13.13 -8.08 17.89
CA PHE D 234 -12.09 -7.20 18.40
C PHE D 234 -12.21 -5.78 17.83
N LEU D 235 -12.32 -5.68 16.49
CA LEU D 235 -12.32 -4.37 15.85
C LEU D 235 -13.56 -3.55 16.18
N CYS D 236 -14.67 -4.21 16.47
CA CYS D 236 -15.93 -3.52 16.81
C CYS D 236 -16.07 -3.24 18.30
N SER D 237 -15.05 -3.61 19.09
CA SER D 237 -15.07 -3.42 20.55
C SER D 237 -14.41 -2.11 21.04
N PRO D 238 -14.66 -1.70 22.29
CA PRO D 238 -13.89 -0.57 22.82
C PRO D 238 -12.38 -0.87 22.95
N GLN D 239 -12.00 -2.14 22.98
CA GLN D 239 -10.58 -2.54 22.93
C GLN D 239 -9.86 -2.13 21.63
N ALA D 240 -10.62 -1.69 20.63
CA ALA D 240 -10.10 -1.15 19.36
C ALA D 240 -10.43 0.35 19.16
N SER D 241 -10.66 1.07 20.26
CA SER D 241 -11.17 2.46 20.17
C SER D 241 -10.25 3.41 19.41
N MET D 242 -8.99 3.04 19.22
CA MET D 242 -8.07 3.90 18.49
C MET D 242 -7.75 3.38 17.08
N ILE D 243 -8.53 2.40 16.61
CA ILE D 243 -8.28 1.80 15.32
C ILE D 243 -9.35 2.20 14.32
N THR D 244 -8.96 2.94 13.30
CA THR D 244 -9.91 3.35 12.27
C THR D 244 -9.21 3.58 10.94
N GLY D 245 -9.90 3.24 9.85
CA GLY D 245 -9.33 3.50 8.53
C GLY D 245 -8.56 2.32 7.99
N VAL D 246 -8.42 1.27 8.79
CA VAL D 246 -7.58 0.14 8.40
C VAL D 246 -8.37 -0.93 7.67
N ALA D 247 -7.62 -1.78 6.95
CA ALA D 247 -8.12 -2.96 6.30
C ALA D 247 -7.22 -4.12 6.71
N LEU D 248 -7.74 -4.97 7.59
CA LEU D 248 -6.98 -6.05 8.18
C LEU D 248 -7.17 -7.36 7.41
N ASP D 249 -6.09 -7.92 6.87
CA ASP D 249 -6.09 -9.22 6.20
C ASP D 249 -6.22 -10.37 7.21
N VAL D 250 -7.17 -11.28 6.98
CA VAL D 250 -7.29 -12.49 7.78
C VAL D 250 -7.27 -13.63 6.78
N ASP D 251 -6.08 -14.14 6.50
CA ASP D 251 -5.88 -14.93 5.29
C ASP D 251 -4.83 -16.02 5.42
N GLY D 252 -4.33 -16.24 6.63
CA GLY D 252 -3.34 -17.27 6.87
C GLY D 252 -2.05 -16.96 6.13
N GLY D 253 -1.85 -15.69 5.76
CA GLY D 253 -0.71 -15.27 4.97
C GLY D 253 -0.85 -15.32 3.45
N ARG D 254 -1.98 -15.81 2.95
CA ARG D 254 -2.20 -15.93 1.50
C ARG D 254 -1.71 -14.73 0.68
N SER D 255 -1.95 -13.52 1.16
CA SER D 255 -1.69 -12.30 0.39
C SER D 255 -0.32 -11.67 0.57
N ILE D 256 0.60 -12.38 1.23
CA ILE D 256 1.91 -11.80 1.52
C ILE D 256 2.64 -11.61 0.20
#